data_3RYS
#
_entry.id   3RYS
#
_cell.length_a   124.104
_cell.length_b   124.104
_cell.length_c   89.724
_cell.angle_alpha   90.00
_cell.angle_beta   90.00
_cell.angle_gamma   90.00
#
_symmetry.space_group_name_H-M   'P 42 21 2'
#
loop_
_entity.id
_entity.type
_entity.pdbx_description
1 polymer 'Adenosine deaminase 1'
2 non-polymer 'ZINC ION'
3 non-polymer ADENINE
4 water water
#
_entity_poly.entity_id   1
_entity_poly.type   'polypeptide(L)'
_entity_poly.pdbx_seq_one_letter_code
;METFGEKTTSTAPPVAELHLHIEGTLQPELIFALAERNGIELPYEDIEELREKYEFTDLQSFLDLYYANMAVLQTEQDFT
DMTRAYLERAAAGGVRHAEIMMDPQAHTSRGVALETCVNGVANALATSEEDFGVSTLLIAAFLRDMSEDSALEVLDQLLA
MHAPIAGIGLDSAEVGNPPSKFERLYQRAAEAGLRRIAHAGEEGPASYITEALDVLHVERIDHGIRCMEDTDVVQRLVAE
QVPLTVCPLSNVRLRAVDKLADHPLPEMLAIGLNVCVNSDDPAYFGGYVDDNFEQLVKVLEFSVPEQATLAANSIRSSFA
SDARKAVLLDEVTEWVKASVTPA
;
_entity_poly.pdbx_strand_id   A,B
#
loop_
_chem_comp.id
_chem_comp.type
_chem_comp.name
_chem_comp.formula
ADE non-polymer ADENINE 'C5 H5 N5'
ZN non-polymer 'ZINC ION' 'Zn 2'
#
# COMPACT_ATOMS: atom_id res chain seq x y z
N THR A 8 38.01 -8.14 32.36
CA THR A 8 36.55 -8.21 32.30
C THR A 8 35.90 -6.90 31.83
N THR A 9 34.77 -7.00 31.14
CA THR A 9 34.05 -5.83 30.67
C THR A 9 32.54 -6.02 30.82
N SER A 10 31.81 -4.92 30.99
CA SER A 10 30.35 -4.97 30.99
C SER A 10 29.80 -4.28 29.76
N THR A 11 30.69 -3.86 28.87
CA THR A 11 30.30 -3.19 27.63
C THR A 11 30.10 -4.19 26.50
N ALA A 12 29.33 -3.79 25.49
CA ALA A 12 29.10 -4.63 24.33
C ALA A 12 30.22 -4.42 23.34
N PRO A 13 30.46 -5.42 22.47
CA PRO A 13 31.53 -5.38 21.46
C PRO A 13 31.08 -4.59 20.25
N PRO A 14 32.04 -4.14 19.42
CA PRO A 14 31.68 -3.52 18.13
C PRO A 14 31.14 -4.62 17.23
N VAL A 15 29.90 -4.50 16.76
CA VAL A 15 29.30 -5.55 15.96
C VAL A 15 28.66 -5.01 14.70
N ALA A 16 28.22 -5.93 13.85
CA ALA A 16 27.29 -5.60 12.77
C ALA A 16 25.97 -6.30 13.02
N GLU A 17 24.86 -5.58 12.95
CA GLU A 17 23.55 -6.22 13.04
C GLU A 17 23.03 -6.54 11.64
N LEU A 18 22.87 -7.84 11.37
CA LEU A 18 22.48 -8.30 10.05
C LEU A 18 21.03 -8.74 9.98
N HIS A 19 20.43 -8.94 11.15
CA HIS A 19 19.04 -9.40 11.25
C HIS A 19 18.25 -8.42 12.10
N LEU A 20 17.53 -7.51 11.44
CA LEU A 20 16.77 -6.49 12.15
C LEU A 20 15.68 -5.87 11.29
N HIS A 21 14.45 -5.91 11.79
CA HIS A 21 13.31 -5.32 11.10
C HIS A 21 13.05 -3.91 11.61
N ILE A 22 13.07 -2.95 10.70
CA ILE A 22 12.92 -1.55 11.11
C ILE A 22 11.58 -1.30 11.80
N GLU A 23 10.54 -2.01 11.37
CA GLU A 23 9.22 -1.90 11.97
C GLU A 23 9.17 -2.50 13.37
N GLY A 24 10.12 -3.40 13.66
CA GLY A 24 10.21 -4.02 14.97
C GLY A 24 11.00 -3.17 15.93
N THR A 25 11.40 -2.01 15.41
CA THR A 25 12.16 -1.01 16.14
C THR A 25 11.24 0.02 16.80
N LEU A 26 9.96 -0.06 16.45
CA LEU A 26 8.95 0.92 16.86
C LEU A 26 8.59 0.82 18.35
N GLN A 27 9.10 1.76 19.13
CA GLN A 27 8.86 1.79 20.57
C GLN A 27 7.50 2.40 20.89
N PRO A 28 6.83 1.91 21.94
CA PRO A 28 5.51 2.42 22.35
C PRO A 28 5.43 3.94 22.46
N GLU A 29 6.52 4.59 22.88
CA GLU A 29 6.53 6.05 22.94
C GLU A 29 6.35 6.64 21.55
N LEU A 30 7.12 6.13 20.58
CA LEU A 30 7.07 6.65 19.22
C LEU A 30 5.73 6.35 18.56
N ILE A 31 5.20 5.17 18.85
CA ILE A 31 3.88 4.80 18.35
C ILE A 31 2.83 5.85 18.72
N PHE A 32 2.76 6.19 20.00
CA PHE A 32 1.83 7.20 20.46
C PHE A 32 2.11 8.59 19.90
N ALA A 33 3.37 8.90 19.67
CA ALA A 33 3.76 10.20 19.13
C ALA A 33 3.33 10.33 17.66
N LEU A 34 3.57 9.27 16.89
CA LEU A 34 3.21 9.26 15.48
C LEU A 34 1.70 9.21 15.30
N ALA A 35 1.04 8.46 16.17
CA ALA A 35 -0.42 8.43 16.19
C ALA A 35 -0.94 9.85 16.34
N GLU A 36 -0.36 10.57 17.30
CA GLU A 36 -0.79 11.94 17.58
C GLU A 36 -0.56 12.87 16.40
N ARG A 37 0.63 12.80 15.83
CA ARG A 37 1.00 13.63 14.69
C ARG A 37 0.11 13.36 13.47
N ASN A 38 -0.40 12.13 13.37
CA ASN A 38 -1.23 11.77 12.23
C ASN A 38 -2.71 11.81 12.58
N GLY A 39 -3.00 12.26 13.80
CA GLY A 39 -4.37 12.31 14.28
C GLY A 39 -5.03 10.94 14.18
N ILE A 40 -4.31 9.91 14.59
CA ILE A 40 -4.82 8.56 14.54
C ILE A 40 -5.30 8.12 15.92
N GLU A 41 -6.49 7.54 15.97
CA GLU A 41 -7.02 6.93 17.18
C GLU A 41 -6.43 5.54 17.36
N LEU A 42 -5.77 5.31 18.50
CA LEU A 42 -5.20 4.00 18.80
C LEU A 42 -6.19 3.13 19.60
N PRO A 43 -6.13 1.80 19.38
CA PRO A 43 -6.99 0.84 20.10
C PRO A 43 -6.53 0.61 21.52
N TYR A 44 -5.76 1.54 22.09
CA TYR A 44 -5.27 1.41 23.45
C TYR A 44 -5.56 2.67 24.24
N GLU A 45 -6.20 2.51 25.40
CA GLU A 45 -6.50 3.63 26.28
C GLU A 45 -5.23 4.43 26.55
N ASP A 46 -4.21 3.76 27.04
CA ASP A 46 -2.93 4.40 27.33
C ASP A 46 -1.77 3.56 26.82
N ILE A 47 -0.57 4.10 26.94
CA ILE A 47 0.63 3.39 26.50
C ILE A 47 0.95 2.23 27.44
N GLU A 48 0.32 2.21 28.60
CA GLU A 48 0.45 1.08 29.52
C GLU A 48 -0.35 -0.11 29.02
N GLU A 49 -1.56 0.14 28.54
CA GLU A 49 -2.40 -0.93 28.00
C GLU A 49 -1.75 -1.54 26.78
N LEU A 50 -0.97 -0.73 26.07
CA LEU A 50 -0.23 -1.21 24.92
C LEU A 50 0.88 -2.18 25.35
N ARG A 51 1.74 -1.76 26.26
CA ARG A 51 2.85 -2.61 26.73
C ARG A 51 2.32 -3.92 27.29
N GLU A 52 1.08 -3.88 27.76
CA GLU A 52 0.41 -5.04 28.34
C GLU A 52 0.18 -6.13 27.29
N LYS A 53 0.27 -5.74 26.01
CA LYS A 53 -0.07 -6.66 24.92
C LYS A 53 1.16 -7.36 24.32
N TYR A 54 2.27 -7.33 25.04
CA TYR A 54 3.53 -7.87 24.54
C TYR A 54 3.89 -9.24 25.10
N GLU A 55 2.91 -9.99 25.58
CA GLU A 55 3.16 -11.36 25.97
C GLU A 55 2.78 -12.31 24.85
N PHE A 56 3.77 -12.79 24.10
CA PHE A 56 3.51 -13.55 22.90
C PHE A 56 3.44 -15.05 23.17
N THR A 57 2.78 -15.77 22.26
CA THR A 57 2.55 -17.20 22.41
C THR A 57 3.28 -17.98 21.33
N ASP A 58 3.47 -17.31 20.19
CA ASP A 58 4.13 -17.89 19.03
C ASP A 58 4.44 -16.77 18.04
N LEU A 59 5.01 -17.10 16.90
CA LEU A 59 5.36 -16.08 15.91
C LEU A 59 4.13 -15.26 15.52
N GLN A 60 3.02 -15.95 15.31
CA GLN A 60 1.81 -15.31 14.79
C GLN A 60 1.27 -14.23 15.73
N SER A 61 1.13 -14.56 17.01
CA SER A 61 0.63 -13.60 17.98
C SER A 61 1.44 -12.32 17.94
N PHE A 62 2.74 -12.47 17.70
CA PHE A 62 3.64 -11.32 17.59
C PHE A 62 3.37 -10.52 16.32
N LEU A 63 3.40 -11.21 15.19
CA LEU A 63 3.14 -10.57 13.90
C LEU A 63 1.86 -9.72 13.96
N ASP A 64 0.83 -10.25 14.60
CA ASP A 64 -0.44 -9.52 14.69
C ASP A 64 -0.25 -8.12 15.28
N LEU A 65 0.48 -8.03 16.39
CA LEU A 65 0.78 -6.74 17.00
C LEU A 65 1.72 -5.94 16.10
N TYR A 66 2.81 -6.59 15.70
CA TYR A 66 3.81 -6.04 14.79
C TYR A 66 3.19 -5.33 13.58
N TYR A 67 2.22 -5.96 12.96
CA TYR A 67 1.52 -5.37 11.82
C TYR A 67 0.53 -4.28 12.25
N ALA A 68 -0.17 -4.52 13.36
CA ALA A 68 -1.14 -3.57 13.87
C ALA A 68 -0.47 -2.22 14.12
N ASN A 69 0.71 -2.25 14.71
CA ASN A 69 1.41 -1.04 15.10
C ASN A 69 1.86 -0.19 13.91
N MET A 70 2.02 -0.83 12.76
CA MET A 70 2.49 -0.13 11.56
C MET A 70 1.50 0.93 11.08
N ALA A 71 0.29 0.93 11.65
CA ALA A 71 -0.76 1.84 11.22
C ALA A 71 -0.42 3.32 11.41
N VAL A 72 0.50 3.61 12.31
CA VAL A 72 0.89 5.00 12.57
C VAL A 72 1.90 5.53 11.56
N LEU A 73 2.45 4.64 10.75
CA LEU A 73 3.43 5.02 9.73
C LEU A 73 2.75 5.48 8.44
N GLN A 74 2.51 6.78 8.31
CA GLN A 74 1.77 7.31 7.16
C GLN A 74 2.65 8.10 6.19
N THR A 75 3.54 8.90 6.74
CA THR A 75 4.30 9.86 5.94
C THR A 75 5.76 9.48 5.87
N GLU A 76 6.44 10.07 4.89
CA GLU A 76 7.86 9.89 4.72
C GLU A 76 8.58 10.23 6.02
N GLN A 77 8.14 11.30 6.67
CA GLN A 77 8.73 11.73 7.93
C GLN A 77 8.62 10.64 8.99
N ASP A 78 7.47 9.95 8.99
CA ASP A 78 7.25 8.85 9.93
C ASP A 78 8.30 7.76 9.80
N PHE A 79 8.60 7.36 8.57
CA PHE A 79 9.59 6.33 8.32
C PHE A 79 11.01 6.78 8.69
N THR A 80 11.33 8.02 8.32
CA THR A 80 12.61 8.61 8.66
C THR A 80 12.83 8.65 10.17
N ASP A 81 11.86 9.21 10.88
CA ASP A 81 11.91 9.26 12.34
C ASP A 81 12.16 7.88 12.95
N MET A 82 11.45 6.87 12.47
CA MET A 82 11.57 5.53 13.02
C MET A 82 12.96 4.97 12.81
N THR A 83 13.50 5.21 11.62
CA THR A 83 14.80 4.69 11.23
C THR A 83 15.90 5.36 12.03
N ARG A 84 15.77 6.66 12.24
CA ARG A 84 16.78 7.41 12.97
C ARG A 84 16.79 7.06 14.45
N ALA A 85 15.62 6.72 14.98
CA ALA A 85 15.50 6.38 16.39
C ALA A 85 16.22 5.06 16.66
N TYR A 86 16.22 4.18 15.66
CA TYR A 86 16.94 2.92 15.75
C TYR A 86 18.44 3.14 15.57
N LEU A 87 18.82 3.85 14.51
CA LEU A 87 20.22 4.09 14.23
C LEU A 87 20.92 4.75 15.42
N GLU A 88 20.21 5.66 16.08
CA GLU A 88 20.72 6.34 17.26
C GLU A 88 20.95 5.36 18.41
N ARG A 89 19.95 4.54 18.69
CA ARG A 89 20.04 3.56 19.78
C ARG A 89 21.03 2.44 19.45
N ALA A 90 21.01 1.99 18.20
CA ALA A 90 21.93 0.96 17.75
C ALA A 90 23.38 1.40 17.92
N ALA A 91 23.68 2.63 17.51
CA ALA A 91 25.04 3.15 17.63
C ALA A 91 25.52 3.12 19.07
N ALA A 92 24.70 3.66 19.97
CA ALA A 92 25.01 3.68 21.39
C ALA A 92 25.27 2.29 21.95
N GLY A 93 24.75 1.27 21.27
CA GLY A 93 24.89 -0.10 21.74
C GLY A 93 26.03 -0.85 21.08
N GLY A 94 26.79 -0.17 20.22
CA GLY A 94 27.96 -0.77 19.63
C GLY A 94 27.84 -1.16 18.17
N VAL A 95 26.62 -1.05 17.61
CA VAL A 95 26.38 -1.39 16.22
C VAL A 95 27.18 -0.47 15.29
N ARG A 96 28.12 -1.06 14.55
CA ARG A 96 29.00 -0.31 13.67
C ARG A 96 28.51 -0.36 12.23
N HIS A 97 27.73 -1.40 11.95
CA HIS A 97 27.17 -1.63 10.62
C HIS A 97 25.82 -2.32 10.80
N ALA A 98 24.82 -1.83 10.08
CA ALA A 98 23.47 -2.35 10.21
C ALA A 98 22.87 -2.67 8.86
N GLU A 99 22.46 -3.91 8.67
CA GLU A 99 21.76 -4.31 7.45
C GLU A 99 20.28 -4.52 7.76
N ILE A 100 19.47 -3.58 7.30
CA ILE A 100 18.13 -3.39 7.83
C ILE A 100 17.02 -3.90 6.92
N MET A 101 16.14 -4.70 7.48
CA MET A 101 14.99 -5.20 6.74
C MET A 101 13.78 -4.28 6.84
N MET A 102 12.92 -4.39 5.85
CA MET A 102 11.73 -3.57 5.76
C MET A 102 10.71 -4.39 4.99
N ASP A 103 9.44 -4.31 5.42
CA ASP A 103 8.38 -5.05 4.75
C ASP A 103 7.56 -4.10 3.88
N PRO A 104 8.01 -3.88 2.64
CA PRO A 104 7.32 -2.99 1.71
C PRO A 104 5.81 -3.28 1.69
N GLN A 105 5.44 -4.55 1.60
CA GLN A 105 4.03 -4.93 1.47
C GLN A 105 3.20 -4.59 2.70
N ALA A 106 3.82 -4.57 3.89
CA ALA A 106 3.08 -4.28 5.11
C ALA A 106 2.64 -2.81 5.14
N HIS A 107 3.16 -2.03 4.21
CA HIS A 107 2.79 -0.62 4.11
C HIS A 107 1.95 -0.34 2.86
N THR A 108 2.30 -1.00 1.75
CA THR A 108 1.54 -0.82 0.52
C THR A 108 0.13 -1.43 0.66
N SER A 109 0.01 -2.42 1.55
CA SER A 109 -1.27 -3.06 1.84
C SER A 109 -2.17 -2.15 2.66
N ARG A 110 -1.62 -1.03 3.11
CA ARG A 110 -2.37 -0.09 3.92
C ARG A 110 -2.65 1.16 3.14
N GLY A 111 -2.25 1.16 1.87
CA GLY A 111 -2.46 2.29 0.99
C GLY A 111 -1.32 3.28 0.99
N VAL A 112 -0.25 2.97 1.71
CA VAL A 112 0.95 3.82 1.71
C VAL A 112 1.85 3.44 0.53
N ALA A 113 2.21 4.43 -0.28
CA ALA A 113 2.98 4.18 -1.50
C ALA A 113 4.39 3.65 -1.23
N LEU A 114 4.93 2.89 -2.17
CA LEU A 114 6.31 2.42 -2.09
C LEU A 114 7.24 3.61 -1.99
N GLU A 115 6.94 4.64 -2.77
CA GLU A 115 7.70 5.88 -2.75
C GLU A 115 7.83 6.38 -1.32
N THR A 116 6.74 6.35 -0.57
CA THR A 116 6.71 6.87 0.79
C THR A 116 7.57 6.07 1.78
N CYS A 117 7.36 4.76 1.83
CA CYS A 117 8.11 3.95 2.80
C CYS A 117 9.59 3.82 2.44
N VAL A 118 9.90 3.62 1.15
CA VAL A 118 11.29 3.54 0.71
C VAL A 118 12.05 4.85 0.94
N ASN A 119 11.49 5.95 0.46
CA ASN A 119 12.12 7.26 0.65
C ASN A 119 12.33 7.60 2.13
N GLY A 120 11.33 7.31 2.95
CA GLY A 120 11.39 7.61 4.38
C GLY A 120 12.60 6.97 5.04
N VAL A 121 12.78 5.67 4.79
CA VAL A 121 13.89 4.94 5.38
C VAL A 121 15.23 5.36 4.75
N ALA A 122 15.30 5.29 3.42
CA ALA A 122 16.53 5.60 2.69
C ALA A 122 17.11 6.94 3.11
N ASN A 123 16.25 7.95 3.22
CA ASN A 123 16.69 9.28 3.61
C ASN A 123 17.38 9.27 4.96
N ALA A 124 16.90 8.42 5.87
CA ALA A 124 17.54 8.25 7.16
C ALA A 124 18.86 7.50 7.01
N LEU A 125 18.90 6.54 6.08
CA LEU A 125 20.07 5.68 5.90
C LEU A 125 21.22 6.39 5.18
N ALA A 126 20.87 7.21 4.19
CA ALA A 126 21.85 7.90 3.37
C ALA A 126 22.74 8.83 4.20
N THR A 127 22.39 8.99 5.46
CA THR A 127 23.04 9.95 6.33
C THR A 127 23.47 9.25 7.63
N SER A 128 23.41 7.93 7.63
CA SER A 128 23.64 7.15 8.84
C SER A 128 25.10 7.18 9.30
N GLU A 129 26.02 6.98 8.37
CA GLU A 129 27.44 7.02 8.71
C GLU A 129 27.81 8.36 9.33
N GLU A 130 27.33 9.43 8.69
CA GLU A 130 27.62 10.77 9.12
C GLU A 130 27.03 11.12 10.48
N ASP A 131 25.75 10.77 10.66
CA ASP A 131 25.01 11.17 11.85
C ASP A 131 25.17 10.24 13.04
N PHE A 132 25.43 8.97 12.78
CA PHE A 132 25.48 8.00 13.86
C PHE A 132 26.72 7.12 13.78
N GLY A 133 27.46 7.22 12.68
CA GLY A 133 28.65 6.41 12.49
C GLY A 133 28.32 4.95 12.21
N VAL A 134 27.21 4.72 11.53
CA VAL A 134 26.79 3.36 11.20
C VAL A 134 26.65 3.17 9.70
N SER A 135 27.42 2.24 9.14
CA SER A 135 27.26 1.82 7.75
C SER A 135 25.93 1.09 7.62
N THR A 136 25.23 1.27 6.51
CA THR A 136 23.91 0.67 6.37
C THR A 136 23.60 0.10 4.99
N LEU A 137 22.83 -0.98 4.98
CA LEU A 137 22.27 -1.54 3.76
C LEU A 137 20.77 -1.74 3.94
N LEU A 138 19.99 -1.46 2.90
CA LEU A 138 18.55 -1.63 2.96
C LEU A 138 18.14 -2.93 2.29
N ILE A 139 17.41 -3.76 3.03
CA ILE A 139 16.93 -5.02 2.50
C ILE A 139 15.41 -5.06 2.48
N ALA A 140 14.84 -5.20 1.29
CA ALA A 140 13.40 -5.33 1.16
C ALA A 140 13.00 -6.78 1.45
N ALA A 141 12.20 -6.97 2.49
CA ALA A 141 11.73 -8.30 2.85
C ALA A 141 10.27 -8.51 2.41
N PHE A 142 9.97 -9.73 1.99
CA PHE A 142 8.66 -10.05 1.45
C PHE A 142 7.85 -10.94 2.39
N LEU A 143 6.55 -10.69 2.47
CA LEU A 143 5.68 -11.43 3.38
C LEU A 143 5.32 -12.80 2.80
N ARG A 144 5.89 -13.85 3.38
CA ARG A 144 5.76 -15.18 2.82
C ARG A 144 4.33 -15.71 2.84
N ASP A 145 3.46 -15.08 3.63
CA ASP A 145 2.05 -15.48 3.67
C ASP A 145 1.17 -14.65 2.74
N MET A 146 1.81 -13.98 1.79
CA MET A 146 1.11 -13.40 0.67
C MET A 146 1.63 -14.07 -0.60
N SER A 147 0.96 -13.85 -1.72
CA SER A 147 1.30 -14.56 -2.94
C SER A 147 2.71 -14.22 -3.40
N GLU A 148 3.31 -15.13 -4.18
CA GLU A 148 4.57 -14.85 -4.82
C GLU A 148 4.38 -13.81 -5.92
N ASP A 149 3.24 -13.87 -6.59
CA ASP A 149 2.99 -13.00 -7.73
C ASP A 149 2.96 -11.52 -7.31
N SER A 150 2.37 -11.25 -6.16
CA SER A 150 2.34 -9.89 -5.64
C SER A 150 3.72 -9.45 -5.17
N ALA A 151 4.51 -10.40 -4.67
CA ALA A 151 5.88 -10.11 -4.28
C ALA A 151 6.71 -9.76 -5.51
N LEU A 152 6.45 -10.46 -6.61
CA LEU A 152 7.15 -10.21 -7.86
C LEU A 152 6.78 -8.86 -8.44
N GLU A 153 5.52 -8.47 -8.29
CA GLU A 153 5.08 -7.19 -8.80
C GLU A 153 5.67 -6.04 -8.01
N VAL A 154 5.74 -6.19 -6.69
CA VAL A 154 6.36 -5.18 -5.83
C VAL A 154 7.85 -5.06 -6.13
N LEU A 155 8.52 -6.21 -6.27
CA LEU A 155 9.93 -6.22 -6.64
C LEU A 155 10.15 -5.44 -7.93
N ASP A 156 9.33 -5.70 -8.94
CA ASP A 156 9.38 -4.98 -10.21
C ASP A 156 9.33 -3.47 -10.02
N GLN A 157 8.43 -3.01 -9.16
CA GLN A 157 8.29 -1.57 -8.92
C GLN A 157 9.49 -0.99 -8.20
N LEU A 158 10.04 -1.76 -7.25
CA LEU A 158 11.27 -1.34 -6.58
C LEU A 158 12.39 -1.17 -7.57
N LEU A 159 12.55 -2.14 -8.46
CA LEU A 159 13.56 -2.06 -9.50
C LEU A 159 13.35 -0.84 -10.39
N ALA A 160 12.15 -0.76 -10.97
CA ALA A 160 11.79 0.34 -11.88
C ALA A 160 12.08 1.71 -11.27
N MET A 161 11.78 1.87 -9.99
CA MET A 161 11.95 3.16 -9.32
C MET A 161 13.36 3.32 -8.79
N HIS A 162 14.19 2.31 -9.01
CA HIS A 162 15.57 2.34 -8.54
C HIS A 162 15.65 2.52 -7.02
N ALA A 163 14.87 1.74 -6.29
CA ALA A 163 14.92 1.80 -4.83
C ALA A 163 16.30 1.36 -4.35
N PRO A 164 16.87 2.10 -3.39
CA PRO A 164 18.20 1.87 -2.82
C PRO A 164 18.28 0.58 -2.01
N ILE A 165 17.87 -0.55 -2.58
CA ILE A 165 17.97 -1.82 -1.88
C ILE A 165 19.21 -2.59 -2.30
N ALA A 166 19.85 -3.24 -1.33
CA ALA A 166 21.05 -4.03 -1.59
C ALA A 166 20.71 -5.50 -1.78
N GLY A 167 19.57 -5.91 -1.23
CA GLY A 167 19.19 -7.30 -1.28
C GLY A 167 17.74 -7.53 -0.94
N ILE A 168 17.35 -8.80 -0.91
CA ILE A 168 15.96 -9.18 -0.71
C ILE A 168 15.87 -10.17 0.44
N GLY A 169 14.76 -10.11 1.17
CA GLY A 169 14.57 -10.96 2.33
C GLY A 169 13.23 -11.67 2.28
N LEU A 170 12.99 -12.52 3.28
CA LEU A 170 11.77 -13.31 3.31
C LEU A 170 11.38 -13.55 4.76
N ASP A 171 10.25 -13.00 5.19
CA ASP A 171 9.81 -13.17 6.57
C ASP A 171 8.30 -13.38 6.69
N SER A 172 7.76 -13.04 7.86
CA SER A 172 6.36 -13.31 8.20
C SER A 172 6.13 -14.80 8.53
N ALA A 173 4.85 -15.21 8.64
CA ALA A 173 4.49 -16.54 9.10
C ALA A 173 5.17 -17.68 8.33
N GLU A 174 6.09 -18.39 8.98
CA GLU A 174 6.91 -19.39 8.29
C GLU A 174 6.20 -20.71 8.02
N VAL A 175 5.64 -21.32 9.05
CA VAL A 175 5.05 -22.65 8.92
C VAL A 175 3.95 -22.68 7.85
N GLY A 176 4.08 -23.63 6.93
CA GLY A 176 3.12 -23.76 5.84
C GLY A 176 3.41 -22.83 4.68
N ASN A 177 4.50 -22.06 4.78
CA ASN A 177 4.90 -21.15 3.73
C ASN A 177 6.36 -21.35 3.33
N PRO A 178 6.66 -22.48 2.68
CA PRO A 178 8.03 -22.91 2.38
C PRO A 178 8.76 -21.92 1.48
N PRO A 179 10.09 -21.88 1.59
CA PRO A 179 10.94 -21.00 0.77
C PRO A 179 10.66 -21.22 -0.71
N SER A 180 10.45 -22.47 -1.11
CA SER A 180 10.20 -22.83 -2.50
C SER A 180 9.09 -22.00 -3.14
N LYS A 181 8.16 -21.54 -2.31
CA LYS A 181 7.04 -20.74 -2.79
C LYS A 181 7.50 -19.48 -3.54
N PHE A 182 8.71 -19.02 -3.24
CA PHE A 182 9.22 -17.79 -3.82
C PHE A 182 10.46 -18.00 -4.70
N GLU A 183 10.57 -19.19 -5.29
CA GLU A 183 11.70 -19.51 -6.17
C GLU A 183 11.85 -18.50 -7.30
N ARG A 184 10.74 -18.19 -7.97
CA ARG A 184 10.73 -17.22 -9.07
C ARG A 184 11.25 -15.88 -8.56
N LEU A 185 10.62 -15.39 -7.50
CA LEU A 185 11.02 -14.14 -6.86
C LEU A 185 12.53 -14.03 -6.67
N TYR A 186 13.16 -15.07 -6.13
CA TYR A 186 14.60 -15.05 -5.90
C TYR A 186 15.43 -15.16 -7.18
N GLN A 187 14.91 -15.88 -8.17
CA GLN A 187 15.54 -15.90 -9.48
C GLN A 187 15.50 -14.50 -10.08
N ARG A 188 14.39 -13.80 -9.87
CA ARG A 188 14.27 -12.40 -10.30
C ARG A 188 15.34 -11.53 -9.64
N ALA A 189 15.42 -11.61 -8.32
CA ALA A 189 16.36 -10.83 -7.54
C ALA A 189 17.81 -11.07 -7.94
N ALA A 190 18.19 -12.34 -8.07
CA ALA A 190 19.58 -12.68 -8.39
C ALA A 190 20.02 -12.09 -9.73
N GLU A 191 19.18 -12.25 -10.75
CA GLU A 191 19.49 -11.70 -12.07
C GLU A 191 19.44 -10.17 -12.06
N ALA A 192 18.89 -9.59 -10.99
CA ALA A 192 18.91 -8.15 -10.81
C ALA A 192 20.14 -7.69 -10.03
N GLY A 193 20.97 -8.66 -9.63
CA GLY A 193 22.19 -8.36 -8.90
C GLY A 193 21.94 -8.14 -7.42
N LEU A 194 20.75 -8.51 -6.98
CA LEU A 194 20.35 -8.32 -5.60
C LEU A 194 20.82 -9.48 -4.74
N ARG A 195 21.32 -9.15 -3.54
CA ARG A 195 21.75 -10.16 -2.59
C ARG A 195 20.56 -10.82 -1.93
N ARG A 196 20.76 -11.99 -1.36
CA ARG A 196 19.63 -12.80 -0.89
C ARG A 196 19.77 -13.30 0.52
N ILE A 197 18.73 -13.08 1.33
CA ILE A 197 18.61 -13.71 2.64
C ILE A 197 17.18 -14.19 2.85
N ALA A 198 16.98 -15.07 3.82
CA ALA A 198 15.64 -15.58 4.08
C ALA A 198 15.52 -16.13 5.50
N HIS A 199 14.37 -15.90 6.12
CA HIS A 199 14.04 -16.51 7.40
C HIS A 199 13.84 -18.01 7.21
N ALA A 200 14.52 -18.80 8.03
CA ALA A 200 14.39 -20.25 7.96
C ALA A 200 14.77 -20.92 9.28
N GLY A 201 13.96 -21.86 9.72
CA GLY A 201 14.28 -22.64 10.90
C GLY A 201 13.95 -21.94 12.21
N GLU A 202 13.07 -20.95 12.13
CA GLU A 202 12.59 -20.29 13.34
C GLU A 202 11.50 -21.16 13.95
N GLU A 203 10.38 -21.26 13.25
CA GLU A 203 9.31 -22.19 13.61
C GLU A 203 9.21 -23.25 12.54
N GLY A 204 9.76 -22.95 11.36
CA GLY A 204 9.85 -23.90 10.26
C GLY A 204 10.94 -24.93 10.51
N PRO A 205 10.80 -26.11 9.90
CA PRO A 205 11.70 -27.25 10.13
C PRO A 205 13.04 -27.07 9.43
N ALA A 206 14.02 -27.86 9.82
CA ALA A 206 15.33 -27.84 9.20
C ALA A 206 15.24 -28.00 7.67
N SER A 207 14.17 -28.64 7.20
CA SER A 207 13.95 -28.81 5.76
C SER A 207 13.89 -27.46 5.06
N TYR A 208 13.27 -26.49 5.73
CA TYR A 208 13.06 -25.17 5.17
C TYR A 208 14.38 -24.45 4.95
N ILE A 209 15.40 -24.82 5.69
CA ILE A 209 16.69 -24.26 5.56
C ILE A 209 17.38 -24.70 4.32
N THR A 210 17.29 -25.96 4.03
CA THR A 210 17.80 -26.54 2.82
C THR A 210 17.08 -25.97 1.62
N GLU A 211 15.81 -25.72 1.75
CA GLU A 211 15.07 -25.11 0.70
C GLU A 211 15.53 -23.71 0.39
N ALA A 212 15.76 -22.91 1.40
CA ALA A 212 16.24 -21.55 1.27
C ALA A 212 17.64 -21.51 0.66
N LEU A 213 18.45 -22.51 0.99
CA LEU A 213 19.82 -22.58 0.45
C LEU A 213 19.87 -23.05 -1.01
N ASP A 214 19.07 -24.07 -1.32
CA ASP A 214 19.16 -24.74 -2.61
C ASP A 214 18.21 -24.19 -3.66
N VAL A 215 16.96 -23.96 -3.25
CA VAL A 215 15.95 -23.43 -4.17
C VAL A 215 16.08 -21.92 -4.32
N LEU A 216 16.31 -21.23 -3.20
CA LEU A 216 16.34 -19.77 -3.17
C LEU A 216 17.75 -19.19 -3.27
N HIS A 217 18.76 -20.04 -3.06
CA HIS A 217 20.16 -19.63 -3.14
C HIS A 217 20.51 -18.44 -2.24
N VAL A 218 19.93 -18.38 -1.05
CA VAL A 218 20.21 -17.29 -0.12
C VAL A 218 21.67 -17.29 0.31
N GLU A 219 22.15 -16.15 0.78
CA GLU A 219 23.54 -15.99 1.17
C GLU A 219 23.74 -16.06 2.68
N ARG A 220 22.65 -15.93 3.42
CA ARG A 220 22.68 -16.25 4.84
C ARG A 220 21.29 -16.58 5.38
N ILE A 221 21.25 -17.45 6.39
CA ILE A 221 20.00 -17.91 6.96
C ILE A 221 19.63 -17.07 8.18
N ASP A 222 18.36 -16.67 8.24
CA ASP A 222 17.89 -15.86 9.35
C ASP A 222 17.21 -16.74 10.40
N HIS A 223 17.71 -16.64 11.63
CA HIS A 223 17.34 -17.56 12.72
C HIS A 223 18.10 -18.89 12.58
N GLY A 224 17.48 -19.86 11.92
CA GLY A 224 18.14 -21.12 11.61
C GLY A 224 18.34 -22.07 12.79
N ILE A 225 17.76 -21.75 13.94
CA ILE A 225 17.99 -22.56 15.13
C ILE A 225 17.44 -23.99 15.04
N ARG A 226 16.44 -24.21 14.21
CA ARG A 226 15.87 -25.54 14.08
C ARG A 226 16.72 -26.48 13.23
N CYS A 227 17.84 -25.97 12.73
CA CYS A 227 18.78 -26.79 11.99
C CYS A 227 19.36 -27.86 12.89
N MET A 228 19.35 -27.60 14.19
CA MET A 228 19.92 -28.53 15.17
C MET A 228 19.20 -29.88 15.17
N GLU A 229 18.05 -29.94 14.51
CA GLU A 229 17.26 -31.17 14.50
C GLU A 229 17.74 -32.15 13.44
N ASP A 230 18.57 -31.70 12.55
CA ASP A 230 19.07 -32.56 11.54
C ASP A 230 20.58 -32.50 11.49
N THR A 231 21.21 -33.59 11.83
CA THR A 231 22.64 -33.75 11.82
C THR A 231 23.30 -33.31 10.56
N ASP A 232 22.77 -33.67 9.43
CA ASP A 232 23.52 -33.41 8.24
C ASP A 232 23.20 -32.15 7.48
N VAL A 233 22.20 -31.44 7.95
CA VAL A 233 21.94 -30.04 7.64
C VAL A 233 22.92 -29.20 8.44
N VAL A 234 23.02 -29.49 9.73
CA VAL A 234 24.03 -28.89 10.59
C VAL A 234 25.41 -29.06 9.95
N GLN A 235 25.60 -30.21 9.32
CA GLN A 235 26.88 -30.58 8.73
C GLN A 235 27.25 -29.67 7.58
N ARG A 236 26.29 -29.46 6.68
CA ARG A 236 26.50 -28.57 5.54
C ARG A 236 26.73 -27.12 5.98
N LEU A 237 25.92 -26.65 6.93
CA LEU A 237 26.08 -25.31 7.47
C LEU A 237 27.52 -25.09 7.92
N VAL A 238 27.98 -25.97 8.81
CA VAL A 238 29.36 -25.93 9.28
C VAL A 238 30.38 -26.00 8.14
N ALA A 239 30.15 -26.90 7.20
CA ALA A 239 31.05 -27.12 6.08
C ALA A 239 31.15 -25.91 5.15
N GLU A 240 30.05 -25.19 5.00
CA GLU A 240 30.00 -24.09 4.05
C GLU A 240 30.12 -22.73 4.73
N GLN A 241 30.03 -22.74 6.05
CA GLN A 241 30.15 -21.50 6.82
C GLN A 241 29.02 -20.53 6.45
N VAL A 242 27.84 -21.08 6.20
CA VAL A 242 26.65 -20.28 5.97
C VAL A 242 26.37 -19.44 7.20
N PRO A 243 26.36 -18.10 7.06
CA PRO A 243 26.06 -17.24 8.19
C PRO A 243 24.65 -17.52 8.73
N LEU A 244 24.54 -17.67 10.04
CA LEU A 244 23.25 -17.83 10.71
C LEU A 244 22.97 -16.64 11.63
N THR A 245 21.96 -15.86 11.29
CA THR A 245 21.64 -14.68 12.09
C THR A 245 20.71 -15.02 13.27
N VAL A 246 21.31 -15.51 14.36
CA VAL A 246 20.57 -15.89 15.55
C VAL A 246 20.04 -14.69 16.33
N CYS A 247 18.83 -14.83 16.87
CA CYS A 247 18.20 -13.77 17.66
C CYS A 247 17.72 -14.35 18.99
N PRO A 248 18.60 -14.34 20.01
CA PRO A 248 18.37 -14.99 21.30
C PRO A 248 17.07 -14.58 22.01
N LEU A 249 16.91 -13.29 22.29
CA LEU A 249 15.73 -12.80 22.97
C LEU A 249 14.47 -13.01 22.15
N SER A 250 14.58 -12.86 20.83
CA SER A 250 13.45 -13.07 19.95
C SER A 250 12.89 -14.50 20.14
N ASN A 251 13.78 -15.48 20.06
CA ASN A 251 13.39 -16.88 20.20
C ASN A 251 12.74 -17.19 21.54
N VAL A 252 13.22 -16.54 22.60
CA VAL A 252 12.65 -16.74 23.92
C VAL A 252 11.24 -16.13 24.00
N ARG A 253 11.12 -14.87 23.60
CA ARG A 253 9.86 -14.17 23.73
C ARG A 253 8.78 -14.69 22.78
N LEU A 254 9.17 -15.42 21.76
CA LEU A 254 8.22 -16.01 20.82
C LEU A 254 7.97 -17.47 21.16
N ARG A 255 8.63 -17.93 22.22
CA ARG A 255 8.44 -19.28 22.75
C ARG A 255 9.03 -20.39 21.86
N ALA A 256 9.87 -20.01 20.91
CA ALA A 256 10.61 -21.01 20.13
C ALA A 256 11.60 -21.70 21.06
N VAL A 257 12.08 -20.96 22.05
CA VAL A 257 12.94 -21.48 23.10
C VAL A 257 12.32 -21.14 24.45
N ASP A 258 12.27 -22.11 25.35
CA ASP A 258 11.56 -21.92 26.61
C ASP A 258 12.18 -20.79 27.43
N LYS A 259 13.42 -20.98 27.85
CA LYS A 259 14.15 -19.96 28.58
C LYS A 259 15.46 -19.67 27.88
N LEU A 260 16.01 -18.48 28.09
CA LEU A 260 17.29 -18.14 27.50
C LEU A 260 18.35 -19.17 27.91
N ALA A 261 18.21 -19.74 29.09
CA ALA A 261 19.17 -20.72 29.57
C ALA A 261 19.16 -21.98 28.72
N ASP A 262 18.12 -22.12 27.91
CA ASP A 262 17.95 -23.30 27.07
C ASP A 262 18.36 -23.05 25.62
N HIS A 263 18.90 -21.87 25.33
CA HIS A 263 19.20 -21.52 23.94
C HIS A 263 20.40 -22.25 23.36
N PRO A 264 20.28 -22.73 22.11
CA PRO A 264 21.31 -23.53 21.42
C PRO A 264 22.54 -22.73 21.02
N LEU A 265 22.48 -21.41 21.11
CA LEU A 265 23.58 -20.57 20.63
C LEU A 265 24.98 -21.04 21.07
N PRO A 266 25.17 -21.31 22.37
CA PRO A 266 26.49 -21.76 22.83
C PRO A 266 26.94 -23.01 22.06
N GLU A 267 26.07 -24.00 21.97
CA GLU A 267 26.36 -25.25 21.29
C GLU A 267 26.63 -25.02 19.80
N MET A 268 25.86 -24.11 19.20
CA MET A 268 25.99 -23.78 17.77
C MET A 268 27.36 -23.19 17.49
N LEU A 269 27.79 -22.30 18.39
CA LEU A 269 29.11 -21.69 18.29
C LEU A 269 30.18 -22.76 18.46
N ALA A 270 30.06 -23.55 19.52
CA ALA A 270 31.03 -24.60 19.79
C ALA A 270 31.22 -25.57 18.63
N ILE A 271 30.16 -25.89 17.92
CA ILE A 271 30.27 -26.84 16.82
C ILE A 271 30.63 -26.19 15.47
N GLY A 272 30.91 -24.90 15.49
CA GLY A 272 31.47 -24.23 14.33
C GLY A 272 30.48 -23.57 13.38
N LEU A 273 29.19 -23.58 13.73
CA LEU A 273 28.21 -22.86 12.94
C LEU A 273 28.57 -21.39 12.92
N ASN A 274 28.54 -20.78 11.74
CA ASN A 274 28.91 -19.37 11.59
C ASN A 274 27.81 -18.42 12.09
N VAL A 275 27.58 -18.43 13.40
CA VAL A 275 26.46 -17.69 13.97
C VAL A 275 26.84 -16.30 14.46
N CYS A 276 25.85 -15.41 14.49
CA CYS A 276 26.01 -14.09 15.08
C CYS A 276 24.76 -13.69 15.84
N VAL A 277 24.88 -12.65 16.66
CA VAL A 277 23.81 -12.23 17.56
C VAL A 277 23.07 -11.01 17.01
N ASN A 278 21.74 -11.08 17.01
CA ASN A 278 20.90 -10.02 16.47
C ASN A 278 19.69 -9.78 17.37
N SER A 279 19.11 -8.58 17.31
CA SER A 279 17.98 -8.25 18.17
C SER A 279 16.63 -8.44 17.46
N ASP A 280 16.68 -8.53 16.13
CA ASP A 280 15.51 -8.89 15.32
C ASP A 280 14.41 -7.83 15.33
N ASP A 281 13.61 -7.82 16.39
CA ASP A 281 12.56 -6.83 16.59
C ASP A 281 12.70 -6.22 17.98
N PRO A 282 13.64 -5.27 18.13
CA PRO A 282 14.14 -4.73 19.41
C PRO A 282 13.07 -4.13 20.33
N ALA A 283 12.06 -3.47 19.76
CA ALA A 283 11.07 -2.80 20.60
C ALA A 283 9.97 -3.76 21.07
N TYR A 284 10.03 -5.00 20.60
CA TYR A 284 9.03 -5.99 20.96
C TYR A 284 9.57 -7.09 21.89
N PHE A 285 10.89 -7.30 21.87
CA PHE A 285 11.48 -8.38 22.63
C PHE A 285 12.34 -7.86 23.77
N GLY A 286 12.17 -6.57 24.08
CA GLY A 286 12.77 -5.95 25.25
C GLY A 286 14.28 -5.82 25.25
N GLY A 287 14.87 -5.45 24.12
CA GLY A 287 16.30 -5.30 24.04
C GLY A 287 16.91 -5.25 22.65
N TYR A 288 17.99 -4.48 22.55
CA TYR A 288 18.72 -4.36 21.30
C TYR A 288 19.88 -5.36 21.28
N VAL A 289 20.76 -5.28 20.30
CA VAL A 289 21.83 -6.27 20.19
C VAL A 289 22.67 -6.32 21.48
N ASP A 290 23.04 -5.15 22.00
CA ASP A 290 23.85 -5.10 23.22
C ASP A 290 23.11 -5.72 24.39
N ASP A 291 21.77 -5.65 24.37
CA ASP A 291 20.96 -6.31 25.38
C ASP A 291 21.01 -7.82 25.19
N ASN A 292 21.01 -8.26 23.94
CA ASN A 292 21.15 -9.69 23.65
C ASN A 292 22.47 -10.21 24.16
N PHE A 293 23.54 -9.44 23.96
CA PHE A 293 24.84 -9.83 24.45
C PHE A 293 24.86 -9.89 25.98
N GLU A 294 24.36 -8.82 26.60
CA GLU A 294 24.30 -8.74 28.05
C GLU A 294 23.67 -9.99 28.66
N GLN A 295 22.57 -10.44 28.07
CA GLN A 295 21.87 -11.61 28.58
C GLN A 295 22.64 -12.91 28.32
N LEU A 296 23.33 -12.98 27.19
CA LEU A 296 24.16 -14.14 26.87
C LEU A 296 25.28 -14.31 27.89
N VAL A 297 25.88 -13.19 28.28
CA VAL A 297 26.92 -13.18 29.28
C VAL A 297 26.34 -13.54 30.63
N LYS A 298 25.30 -12.81 31.02
CA LYS A 298 24.68 -12.97 32.33
C LYS A 298 24.10 -14.37 32.53
N VAL A 299 23.42 -14.90 31.51
CA VAL A 299 22.71 -16.17 31.65
C VAL A 299 23.49 -17.39 31.13
N LEU A 300 24.17 -17.23 30.00
CA LEU A 300 24.87 -18.35 29.37
C LEU A 300 26.38 -18.29 29.53
N GLU A 301 26.84 -17.32 30.33
CA GLU A 301 28.26 -17.21 30.71
C GLU A 301 29.22 -17.09 29.54
N PHE A 302 28.80 -16.37 28.50
CA PHE A 302 29.67 -16.09 27.38
C PHE A 302 30.87 -15.26 27.82
N SER A 303 32.05 -15.69 27.42
CA SER A 303 33.29 -14.97 27.72
C SER A 303 33.55 -13.84 26.74
N VAL A 304 34.51 -12.98 27.07
CA VAL A 304 34.91 -11.91 26.18
C VAL A 304 35.36 -12.44 24.81
N PRO A 305 36.28 -13.41 24.81
CA PRO A 305 36.72 -14.02 23.54
C PRO A 305 35.57 -14.65 22.78
N GLU A 306 34.60 -15.22 23.49
CA GLU A 306 33.45 -15.81 22.83
C GLU A 306 32.59 -14.71 22.19
N GLN A 307 32.26 -13.68 22.97
CA GLN A 307 31.56 -12.50 22.48
C GLN A 307 32.25 -11.91 21.25
N ALA A 308 33.57 -11.82 21.31
CA ALA A 308 34.34 -11.28 20.20
C ALA A 308 34.16 -12.12 18.94
N THR A 309 34.21 -13.44 19.11
CA THR A 309 34.02 -14.35 17.99
C THR A 309 32.67 -14.06 17.32
N LEU A 310 31.62 -13.92 18.13
CA LEU A 310 30.28 -13.60 17.63
C LEU A 310 30.28 -12.28 16.86
N ALA A 311 30.95 -11.29 17.42
CA ALA A 311 31.09 -9.98 16.79
C ALA A 311 31.75 -10.09 15.42
N ALA A 312 32.90 -10.77 15.37
CA ALA A 312 33.66 -10.87 14.13
C ALA A 312 32.91 -11.67 13.07
N ASN A 313 32.16 -12.68 13.50
CA ASN A 313 31.28 -13.39 12.59
C ASN A 313 30.35 -12.41 11.89
N SER A 314 29.64 -11.61 12.70
CA SER A 314 28.67 -10.66 12.16
C SER A 314 29.30 -9.73 11.13
N ILE A 315 30.59 -9.44 11.29
CA ILE A 315 31.27 -8.55 10.36
C ILE A 315 31.68 -9.30 9.10
N ARG A 316 32.25 -10.48 9.27
CA ARG A 316 32.64 -11.31 8.13
C ARG A 316 31.44 -11.69 7.29
N SER A 317 30.28 -11.78 7.94
CA SER A 317 29.06 -12.23 7.28
C SER A 317 28.31 -11.09 6.59
N SER A 318 28.56 -9.86 7.02
CA SER A 318 27.89 -8.71 6.43
C SER A 318 28.19 -8.58 4.94
N PHE A 319 27.39 -7.77 4.25
CA PHE A 319 27.61 -7.48 2.84
C PHE A 319 28.29 -6.13 2.70
N ALA A 320 29.04 -5.74 3.73
CA ALA A 320 29.82 -4.51 3.69
C ALA A 320 31.10 -4.72 2.89
N SER A 321 31.75 -3.63 2.53
CA SER A 321 33.00 -3.69 1.77
C SER A 321 34.10 -4.36 2.60
N ASP A 322 35.02 -5.05 1.93
CA ASP A 322 36.11 -5.68 2.63
C ASP A 322 36.89 -4.64 3.44
N ALA A 323 36.88 -3.40 2.96
CA ALA A 323 37.53 -2.29 3.64
C ALA A 323 36.80 -1.96 4.94
N ARG A 324 35.48 -1.87 4.86
CA ARG A 324 34.65 -1.61 6.03
C ARG A 324 34.76 -2.74 7.04
N LYS A 325 34.89 -3.97 6.55
CA LYS A 325 35.02 -5.13 7.42
C LYS A 325 36.35 -5.08 8.17
N ALA A 326 37.41 -4.76 7.45
CA ALA A 326 38.76 -4.73 8.01
C ALA A 326 38.86 -3.81 9.22
N VAL A 327 38.43 -2.56 9.06
CA VAL A 327 38.51 -1.59 10.15
C VAL A 327 37.62 -1.99 11.33
N LEU A 328 36.46 -2.57 11.04
CA LEU A 328 35.56 -3.05 12.08
C LEU A 328 36.14 -4.28 12.78
N LEU A 329 36.71 -5.20 12.00
CA LEU A 329 37.40 -6.35 12.55
C LEU A 329 38.51 -5.93 13.50
N ASP A 330 39.25 -4.89 13.13
CA ASP A 330 40.34 -4.40 13.97
C ASP A 330 39.80 -3.81 15.26
N GLU A 331 38.61 -3.31 15.19
CA GLU A 331 37.90 -2.78 16.27
C GLU A 331 37.51 -3.82 17.27
N VAL A 332 37.19 -5.02 16.83
CA VAL A 332 36.83 -6.04 17.77
C VAL A 332 38.02 -6.62 18.45
N THR A 333 39.11 -6.70 17.72
CA THR A 333 40.43 -6.93 18.28
C THR A 333 40.86 -5.94 19.35
N GLU A 334 40.66 -4.67 19.16
CA GLU A 334 40.91 -3.73 20.20
C GLU A 334 40.01 -3.95 21.37
N TRP A 335 38.74 -4.11 21.14
CA TRP A 335 37.79 -4.27 22.23
C TRP A 335 38.18 -5.43 23.14
N VAL A 336 38.62 -6.54 22.54
CA VAL A 336 39.04 -7.71 23.29
C VAL A 336 40.26 -7.42 24.17
N LYS A 337 41.22 -6.73 23.61
CA LYS A 337 42.42 -6.42 24.32
C LYS A 337 42.21 -5.46 25.44
N ALA A 338 41.31 -4.54 25.22
CA ALA A 338 40.94 -3.61 26.25
C ALA A 338 40.03 -4.22 27.31
N SER A 339 39.46 -5.35 27.03
CA SER A 339 38.35 -5.88 27.76
C SER A 339 38.66 -7.12 28.55
N VAL A 340 39.87 -7.61 28.51
CA VAL A 340 40.15 -8.78 29.34
C VAL A 340 40.98 -8.38 30.50
N THR A 341 40.85 -9.14 31.59
CA THR A 341 41.52 -8.86 32.86
C THR A 341 43.00 -9.04 32.80
N PRO A 342 43.73 -8.04 33.21
CA PRO A 342 45.18 -8.10 33.18
C PRO A 342 45.75 -9.33 33.83
N ALA B 12 -37.32 2.30 -12.30
CA ALA B 12 -36.00 2.86 -12.58
C ALA B 12 -35.79 3.12 -14.07
N PRO B 13 -35.43 4.36 -14.42
CA PRO B 13 -35.26 4.78 -15.82
C PRO B 13 -33.99 4.21 -16.41
N PRO B 14 -34.00 3.91 -17.71
CA PRO B 14 -32.78 3.47 -18.39
C PRO B 14 -31.81 4.64 -18.44
N VAL B 15 -30.65 4.54 -17.79
CA VAL B 15 -29.70 5.64 -17.81
C VAL B 15 -28.31 5.21 -18.25
N ALA B 16 -27.44 6.20 -18.35
CA ALA B 16 -26.01 5.95 -18.48
C ALA B 16 -25.34 6.59 -17.28
N GLU B 17 -24.39 5.89 -16.68
CA GLU B 17 -23.59 6.48 -15.61
C GLU B 17 -22.24 6.90 -16.17
N LEU B 18 -21.94 8.19 -16.09
CA LEU B 18 -20.72 8.74 -16.68
C LEU B 18 -19.74 9.21 -15.60
N HIS B 19 -20.20 9.20 -14.35
CA HIS B 19 -19.36 9.63 -13.24
C HIS B 19 -19.32 8.53 -12.18
N LEU B 20 -18.35 7.63 -12.32
CA LEU B 20 -18.27 6.50 -11.42
C LEU B 20 -16.86 5.94 -11.34
N HIS B 21 -16.30 5.95 -10.13
CA HIS B 21 -14.99 5.39 -9.90
C HIS B 21 -15.15 3.96 -9.46
N ILE B 22 -14.58 3.03 -10.21
CA ILE B 22 -14.73 1.61 -9.91
C ILE B 22 -14.21 1.29 -8.50
N GLU B 23 -13.16 2.00 -8.08
CA GLU B 23 -12.60 1.82 -6.74
C GLU B 23 -13.58 2.30 -5.66
N GLY B 24 -14.50 3.17 -6.05
CA GLY B 24 -15.51 3.67 -5.14
C GLY B 24 -16.76 2.81 -5.08
N THR B 25 -16.73 1.66 -5.75
CA THR B 25 -17.84 0.71 -5.70
C THR B 25 -17.49 -0.48 -4.83
N LEU B 26 -16.38 -0.36 -4.14
CA LEU B 26 -15.86 -1.44 -3.31
C LEU B 26 -16.60 -1.49 -1.97
N GLN B 27 -17.50 -2.47 -1.82
CA GLN B 27 -18.28 -2.63 -0.60
C GLN B 27 -17.48 -3.32 0.50
N PRO B 28 -17.74 -2.96 1.77
CA PRO B 28 -17.08 -3.58 2.92
C PRO B 28 -17.04 -5.12 2.84
N GLU B 29 -18.12 -5.72 2.36
CA GLU B 29 -18.16 -7.17 2.20
C GLU B 29 -17.07 -7.66 1.24
N LEU B 30 -16.93 -6.98 0.11
CA LEU B 30 -15.93 -7.36 -0.88
C LEU B 30 -14.52 -7.04 -0.40
N ILE B 31 -14.38 -5.92 0.30
CA ILE B 31 -13.10 -5.53 0.87
C ILE B 31 -12.60 -6.58 1.87
N PHE B 32 -13.49 -7.08 2.72
CA PHE B 32 -13.13 -8.13 3.66
C PHE B 32 -12.81 -9.44 2.93
N ALA B 33 -13.58 -9.75 1.90
CA ALA B 33 -13.37 -10.98 1.15
C ALA B 33 -12.02 -10.98 0.44
N LEU B 34 -11.71 -9.87 -0.24
CA LEU B 34 -10.44 -9.74 -0.94
C LEU B 34 -9.26 -9.73 0.03
N ALA B 35 -9.41 -8.99 1.13
CA ALA B 35 -8.39 -8.98 2.18
C ALA B 35 -8.09 -10.40 2.64
N GLU B 36 -9.14 -11.17 2.92
CA GLU B 36 -8.99 -12.56 3.32
C GLU B 36 -8.28 -13.39 2.24
N ARG B 37 -8.64 -13.17 0.98
CA ARG B 37 -8.07 -13.96 -0.11
C ARG B 37 -6.59 -13.67 -0.35
N ASN B 38 -6.14 -12.50 0.08
CA ASN B 38 -4.77 -12.05 -0.18
C ASN B 38 -3.84 -12.09 1.04
N GLY B 39 -4.35 -12.62 2.15
CA GLY B 39 -3.56 -12.73 3.36
C GLY B 39 -3.39 -11.41 4.10
N ILE B 40 -4.28 -10.46 3.83
CA ILE B 40 -4.22 -9.15 4.47
C ILE B 40 -5.06 -9.10 5.73
N GLU B 41 -4.47 -8.58 6.81
CA GLU B 41 -5.21 -8.41 8.05
C GLU B 41 -5.66 -6.96 8.18
N LEU B 42 -6.95 -6.73 7.97
CA LEU B 42 -7.51 -5.38 8.00
C LEU B 42 -7.40 -4.76 9.38
N PRO B 43 -7.37 -3.42 9.43
CA PRO B 43 -7.26 -2.63 10.66
C PRO B 43 -8.56 -2.60 11.46
N TYR B 44 -9.56 -3.37 11.02
CA TYR B 44 -10.86 -3.38 11.67
C TYR B 44 -11.19 -4.74 12.26
N GLU B 45 -11.81 -4.73 13.44
CA GLU B 45 -12.24 -5.94 14.12
C GLU B 45 -13.14 -6.76 13.20
N ASP B 46 -14.19 -6.11 12.71
CA ASP B 46 -15.15 -6.74 11.82
C ASP B 46 -15.67 -5.74 10.79
N ILE B 47 -16.52 -6.22 9.89
CA ILE B 47 -17.10 -5.36 8.86
C ILE B 47 -18.01 -4.28 9.48
N GLU B 48 -18.48 -4.53 10.70
CA GLU B 48 -19.27 -3.54 11.41
C GLU B 48 -18.43 -2.31 11.72
N GLU B 49 -17.21 -2.53 12.18
CA GLU B 49 -16.32 -1.43 12.52
C GLU B 49 -15.93 -0.62 11.29
N LEU B 50 -15.64 -1.29 10.19
CA LEU B 50 -15.32 -0.61 8.94
C LEU B 50 -16.46 0.32 8.53
N ARG B 51 -17.69 -0.18 8.67
CA ARG B 51 -18.87 0.55 8.21
C ARG B 51 -19.08 1.87 8.96
N GLU B 52 -18.52 1.98 10.16
CA GLU B 52 -18.69 3.22 10.93
C GLU B 52 -17.53 4.20 10.74
N LYS B 53 -16.76 3.99 9.69
CA LYS B 53 -15.68 4.91 9.33
C LYS B 53 -16.10 5.77 8.13
N TYR B 54 -17.38 5.73 7.80
CA TYR B 54 -17.89 6.38 6.59
C TYR B 54 -18.58 7.71 6.84
N GLU B 55 -18.15 8.40 7.90
CA GLU B 55 -18.72 9.69 8.27
C GLU B 55 -17.75 10.81 7.90
N PHE B 56 -17.88 11.34 6.69
CA PHE B 56 -16.88 12.26 6.13
C PHE B 56 -17.11 13.74 6.47
N THR B 57 -16.02 14.50 6.41
CA THR B 57 -16.03 15.92 6.74
C THR B 57 -15.84 16.75 5.48
N ASP B 58 -15.00 16.24 4.60
CA ASP B 58 -14.69 16.92 3.34
C ASP B 58 -14.17 15.89 2.35
N LEU B 59 -13.80 16.35 1.17
CA LEU B 59 -13.27 15.46 0.13
C LEU B 59 -12.12 14.60 0.65
N GLN B 60 -11.18 15.22 1.34
CA GLN B 60 -9.94 14.54 1.73
C GLN B 60 -10.17 13.40 2.72
N SER B 61 -11.01 13.64 3.71
CA SER B 61 -11.30 12.61 4.71
C SER B 61 -11.79 11.32 4.03
N PHE B 62 -12.56 11.47 2.96
CA PHE B 62 -13.05 10.35 2.18
C PHE B 62 -11.90 9.66 1.44
N LEU B 63 -11.11 10.46 0.73
CA LEU B 63 -9.94 9.94 0.02
C LEU B 63 -9.05 9.10 0.95
N ASP B 64 -8.93 9.53 2.20
CA ASP B 64 -8.09 8.80 3.14
C ASP B 64 -8.53 7.35 3.25
N LEU B 65 -9.83 7.12 3.43
CA LEU B 65 -10.40 5.79 3.52
C LEU B 65 -10.49 5.13 2.13
N TYR B 66 -10.74 5.95 1.13
CA TYR B 66 -10.87 5.51 -0.25
C TYR B 66 -9.58 4.82 -0.73
N TYR B 67 -8.44 5.46 -0.50
CA TYR B 67 -7.16 4.89 -0.94
C TYR B 67 -6.73 3.73 -0.05
N ALA B 68 -7.20 3.72 1.19
CA ALA B 68 -6.87 2.67 2.14
C ALA B 68 -7.58 1.36 1.81
N ASN B 69 -8.85 1.44 1.42
CA ASN B 69 -9.62 0.26 1.07
C ASN B 69 -9.13 -0.38 -0.23
N MET B 70 -8.67 0.45 -1.15
CA MET B 70 -8.08 0.01 -2.41
C MET B 70 -7.00 -1.06 -2.23
N ALA B 71 -6.34 -1.05 -1.08
CA ALA B 71 -5.11 -1.80 -0.88
C ALA B 71 -5.32 -3.32 -0.83
N VAL B 72 -6.58 -3.76 -0.89
CA VAL B 72 -6.86 -5.19 -0.97
C VAL B 72 -6.77 -5.68 -2.41
N LEU B 73 -6.61 -4.75 -3.34
CA LEU B 73 -6.53 -5.07 -4.76
C LEU B 73 -5.09 -5.43 -5.17
N GLN B 74 -4.85 -6.70 -5.47
CA GLN B 74 -3.52 -7.16 -5.87
C GLN B 74 -3.50 -7.88 -7.21
N THR B 75 -4.51 -8.70 -7.45
CA THR B 75 -4.53 -9.55 -8.63
C THR B 75 -5.53 -9.09 -9.68
N GLU B 76 -5.30 -9.54 -10.91
CA GLU B 76 -6.21 -9.33 -12.02
C GLU B 76 -7.62 -9.76 -11.64
N GLN B 77 -7.74 -10.93 -11.01
CA GLN B 77 -9.03 -11.44 -10.57
C GLN B 77 -9.68 -10.53 -9.55
N ASP B 78 -8.86 -9.83 -8.78
CA ASP B 78 -9.36 -8.87 -7.79
C ASP B 78 -10.08 -7.72 -8.48
N PHE B 79 -9.45 -7.16 -9.51
CA PHE B 79 -10.03 -6.06 -10.28
C PHE B 79 -11.28 -6.51 -11.05
N THR B 80 -11.24 -7.71 -11.60
CA THR B 80 -12.39 -8.28 -12.29
C THR B 80 -13.59 -8.43 -11.35
N ASP B 81 -13.34 -8.95 -10.16
CA ASP B 81 -14.38 -9.11 -9.16
C ASP B 81 -14.97 -7.76 -8.75
N MET B 82 -14.10 -6.76 -8.58
CA MET B 82 -14.58 -5.44 -8.20
C MET B 82 -15.51 -4.90 -9.29
N THR B 83 -15.02 -4.93 -10.53
CA THR B 83 -15.78 -4.41 -11.66
C THR B 83 -17.08 -5.14 -11.87
N ARG B 84 -17.03 -6.47 -11.86
CA ARG B 84 -18.23 -7.28 -12.04
C ARG B 84 -19.27 -6.98 -10.97
N ALA B 85 -18.83 -6.86 -9.72
CA ALA B 85 -19.73 -6.54 -8.62
C ALA B 85 -20.54 -5.29 -8.95
N TYR B 86 -19.87 -4.23 -9.38
CA TYR B 86 -20.55 -2.99 -9.76
C TYR B 86 -21.49 -3.21 -10.93
N LEU B 87 -20.96 -3.77 -12.01
CA LEU B 87 -21.73 -4.00 -13.23
C LEU B 87 -23.06 -4.71 -12.98
N GLU B 88 -23.06 -5.65 -12.03
CA GLU B 88 -24.27 -6.38 -11.70
C GLU B 88 -25.25 -5.51 -10.92
N ARG B 89 -24.74 -4.76 -9.94
CA ARG B 89 -25.58 -3.87 -9.15
C ARG B 89 -26.12 -2.73 -10.01
N ALA B 90 -25.27 -2.23 -10.90
CA ALA B 90 -25.65 -1.13 -11.78
C ALA B 90 -26.79 -1.55 -12.72
N ALA B 91 -26.61 -2.69 -13.39
CA ALA B 91 -27.63 -3.23 -14.28
C ALA B 91 -28.97 -3.35 -13.56
N ALA B 92 -28.93 -3.83 -12.32
CA ALA B 92 -30.13 -3.99 -11.49
C ALA B 92 -30.80 -2.65 -11.21
N GLY B 93 -30.01 -1.58 -11.23
CA GLY B 93 -30.49 -0.24 -10.96
C GLY B 93 -30.93 0.49 -12.22
N GLY B 94 -30.87 -0.20 -13.36
CA GLY B 94 -31.36 0.38 -14.60
C GLY B 94 -30.28 0.97 -15.49
N VAL B 95 -29.04 0.95 -15.02
CA VAL B 95 -27.92 1.43 -15.84
C VAL B 95 -27.75 0.58 -17.09
N ARG B 96 -27.73 1.23 -18.26
CA ARG B 96 -27.66 0.53 -19.52
C ARG B 96 -26.32 0.76 -20.20
N HIS B 97 -25.64 1.80 -19.77
CA HIS B 97 -24.34 2.17 -20.31
C HIS B 97 -23.52 2.81 -19.21
N ALA B 98 -22.28 2.35 -19.06
CA ALA B 98 -21.45 2.84 -17.98
C ALA B 98 -20.07 3.22 -18.49
N GLU B 99 -19.65 4.44 -18.15
CA GLU B 99 -18.30 4.89 -18.47
C GLU B 99 -17.55 5.02 -17.15
N ILE B 100 -16.55 4.17 -16.97
CA ILE B 100 -15.96 3.91 -15.66
C ILE B 100 -14.53 4.44 -15.53
N MET B 101 -14.30 5.30 -14.53
CA MET B 101 -12.94 5.74 -14.22
C MET B 101 -12.24 4.71 -13.34
N MET B 102 -10.92 4.67 -13.45
CA MET B 102 -10.10 3.97 -12.48
C MET B 102 -8.85 4.80 -12.25
N ASP B 103 -8.20 4.62 -11.11
CA ASP B 103 -7.00 5.39 -10.79
C ASP B 103 -5.76 4.49 -10.87
N PRO B 104 -5.15 4.40 -12.07
CA PRO B 104 -4.00 3.52 -12.31
C PRO B 104 -2.85 3.80 -11.37
N GLN B 105 -2.60 5.06 -11.08
CA GLN B 105 -1.46 5.45 -10.26
C GLN B 105 -1.63 4.98 -8.82
N ALA B 106 -2.87 4.84 -8.39
CA ALA B 106 -3.13 4.42 -7.01
C ALA B 106 -2.64 3.00 -6.77
N HIS B 107 -2.93 2.10 -7.70
CA HIS B 107 -2.55 0.70 -7.57
C HIS B 107 -1.08 0.53 -7.95
N THR B 108 -0.65 1.31 -8.92
CA THR B 108 0.73 1.36 -9.36
C THR B 108 1.69 1.72 -8.23
N SER B 109 1.23 2.61 -7.34
CA SER B 109 2.03 3.08 -6.21
C SER B 109 2.06 2.04 -5.09
N ARG B 110 1.25 1.00 -5.25
CA ARG B 110 1.23 -0.10 -4.29
C ARG B 110 2.03 -1.27 -4.85
N GLY B 111 2.75 -1.02 -5.92
CA GLY B 111 3.56 -2.05 -6.56
C GLY B 111 2.76 -3.01 -7.41
N VAL B 112 1.49 -2.68 -7.66
CA VAL B 112 0.66 -3.46 -8.56
C VAL B 112 0.97 -3.07 -10.01
N ALA B 113 1.25 -4.08 -10.86
CA ALA B 113 1.58 -3.82 -12.25
C ALA B 113 0.46 -3.09 -12.99
N LEU B 114 0.85 -2.22 -13.93
CA LEU B 114 -0.11 -1.47 -14.71
C LEU B 114 -0.99 -2.41 -15.55
N GLU B 115 -0.37 -3.46 -16.07
CA GLU B 115 -1.10 -4.43 -16.88
C GLU B 115 -2.10 -5.22 -16.03
N THR B 116 -1.74 -5.55 -14.80
CA THR B 116 -2.63 -6.27 -13.90
C THR B 116 -3.82 -5.38 -13.59
N CYS B 117 -3.48 -4.14 -13.28
CA CYS B 117 -4.41 -3.08 -13.03
C CYS B 117 -5.47 -2.95 -14.14
N VAL B 118 -5.02 -2.65 -15.35
CA VAL B 118 -5.89 -2.42 -16.49
C VAL B 118 -6.61 -3.69 -16.97
N ASN B 119 -5.88 -4.79 -17.08
CA ASN B 119 -6.45 -6.03 -17.60
C ASN B 119 -7.56 -6.60 -16.71
N GLY B 120 -7.39 -6.47 -15.40
CA GLY B 120 -8.41 -6.93 -14.48
C GLY B 120 -9.74 -6.25 -14.76
N VAL B 121 -9.70 -4.95 -14.97
CA VAL B 121 -10.93 -4.21 -15.25
C VAL B 121 -11.48 -4.54 -16.64
N ALA B 122 -10.61 -4.47 -17.65
CA ALA B 122 -11.03 -4.70 -19.03
C ALA B 122 -11.66 -6.07 -19.25
N ASN B 123 -11.18 -7.09 -18.55
CA ASN B 123 -11.74 -8.42 -18.69
C ASN B 123 -13.20 -8.49 -18.28
N ALA B 124 -13.51 -7.77 -17.20
CA ALA B 124 -14.90 -7.66 -16.75
C ALA B 124 -15.71 -6.85 -17.75
N LEU B 125 -15.15 -5.73 -18.20
CA LEU B 125 -15.82 -4.85 -19.15
C LEU B 125 -16.09 -5.53 -20.50
N ALA B 126 -15.15 -6.37 -20.92
CA ALA B 126 -15.20 -7.00 -22.23
C ALA B 126 -16.44 -7.89 -22.42
N THR B 127 -17.06 -8.27 -21.31
CA THR B 127 -18.26 -9.11 -21.36
C THR B 127 -19.43 -8.45 -20.65
N SER B 128 -19.32 -7.15 -20.41
CA SER B 128 -20.35 -6.39 -19.71
C SER B 128 -21.70 -6.49 -20.39
N GLU B 129 -21.71 -6.57 -21.72
CA GLU B 129 -22.97 -6.53 -22.45
C GLU B 129 -23.73 -7.85 -22.40
N GLU B 130 -23.03 -8.95 -22.62
CA GLU B 130 -23.64 -10.27 -22.52
C GLU B 130 -23.95 -10.62 -21.05
N ASP B 131 -23.04 -10.28 -20.14
CA ASP B 131 -23.21 -10.60 -18.73
C ASP B 131 -24.31 -9.77 -18.06
N PHE B 132 -24.36 -8.48 -18.36
CA PHE B 132 -25.24 -7.58 -17.60
C PHE B 132 -26.09 -6.65 -18.47
N GLY B 133 -25.97 -6.77 -19.80
CA GLY B 133 -26.68 -5.88 -20.70
C GLY B 133 -26.29 -4.43 -20.50
N VAL B 134 -25.01 -4.20 -20.26
CA VAL B 134 -24.49 -2.87 -20.04
C VAL B 134 -23.29 -2.59 -20.96
N SER B 135 -23.47 -1.71 -21.92
CA SER B 135 -22.38 -1.28 -22.78
C SER B 135 -21.42 -0.44 -21.94
N THR B 136 -20.13 -0.59 -22.20
CA THR B 136 -19.14 -0.07 -21.25
C THR B 136 -18.01 0.73 -21.91
N LEU B 137 -17.33 1.56 -21.12
CA LEU B 137 -16.25 2.40 -21.64
C LEU B 137 -15.30 2.76 -20.49
N LEU B 138 -14.01 2.49 -20.67
CA LEU B 138 -13.04 2.67 -19.59
C LEU B 138 -12.29 4.00 -19.69
N ILE B 139 -12.31 4.77 -18.61
CA ILE B 139 -11.64 6.06 -18.54
C ILE B 139 -10.51 6.07 -17.50
N ALA B 140 -9.29 6.34 -17.95
CA ALA B 140 -8.15 6.40 -17.04
C ALA B 140 -8.09 7.76 -16.36
N ALA B 141 -8.25 7.77 -15.04
CA ALA B 141 -8.22 9.01 -14.28
C ALA B 141 -6.88 9.17 -13.58
N PHE B 142 -6.35 10.40 -13.61
CA PHE B 142 -5.07 10.69 -13.01
C PHE B 142 -5.23 11.51 -11.75
N LEU B 143 -4.34 11.28 -10.79
CA LEU B 143 -4.44 11.92 -9.48
C LEU B 143 -3.80 13.30 -9.50
N ARG B 144 -4.63 14.32 -9.39
CA ARG B 144 -4.19 15.72 -9.50
C ARG B 144 -3.25 16.17 -8.38
N ASP B 145 -3.24 15.43 -7.27
CA ASP B 145 -2.34 15.77 -6.17
C ASP B 145 -1.00 15.04 -6.24
N MET B 146 -0.76 14.36 -7.37
CA MET B 146 0.58 13.92 -7.73
C MET B 146 1.05 14.78 -8.87
N SER B 147 2.36 14.77 -9.14
CA SER B 147 2.93 15.63 -10.17
C SER B 147 2.42 15.26 -11.56
N GLU B 148 2.47 16.23 -12.48
CA GLU B 148 2.13 15.97 -13.87
C GLU B 148 3.05 14.93 -14.49
N ASP B 149 4.32 14.96 -14.10
CA ASP B 149 5.28 14.00 -14.60
C ASP B 149 4.83 12.55 -14.38
N SER B 150 4.26 12.29 -13.19
CA SER B 150 3.74 10.96 -12.87
C SER B 150 2.68 10.57 -13.89
N ALA B 151 1.75 11.49 -14.12
CA ALA B 151 0.66 11.26 -15.06
C ALA B 151 1.17 10.96 -16.46
N LEU B 152 2.05 11.83 -16.96
CA LEU B 152 2.60 11.70 -18.31
C LEU B 152 3.26 10.36 -18.53
N GLU B 153 3.96 9.86 -17.51
CA GLU B 153 4.67 8.61 -17.63
C GLU B 153 3.72 7.41 -17.65
N VAL B 154 2.68 7.47 -16.82
CA VAL B 154 1.64 6.45 -16.80
C VAL B 154 0.88 6.42 -18.12
N LEU B 155 0.58 7.60 -18.65
CA LEU B 155 -0.10 7.69 -19.93
C LEU B 155 0.72 7.04 -21.04
N ASP B 156 2.03 7.34 -21.08
CA ASP B 156 2.91 6.75 -22.09
C ASP B 156 2.82 5.23 -22.03
N GLN B 157 2.81 4.71 -20.81
CA GLN B 157 2.72 3.28 -20.60
C GLN B 157 1.37 2.73 -21.06
N LEU B 158 0.30 3.46 -20.77
CA LEU B 158 -1.03 3.06 -21.20
C LEU B 158 -1.15 2.99 -22.71
N LEU B 159 -0.57 3.97 -23.41
CA LEU B 159 -0.59 3.99 -24.86
C LEU B 159 0.28 2.86 -25.41
N ALA B 160 1.49 2.74 -24.89
CA ALA B 160 2.43 1.73 -25.35
C ALA B 160 1.85 0.32 -25.24
N MET B 161 1.07 0.09 -24.20
CA MET B 161 0.48 -1.23 -23.97
C MET B 161 -0.88 -1.36 -24.64
N HIS B 162 -1.24 -0.36 -25.45
CA HIS B 162 -2.52 -0.36 -26.12
C HIS B 162 -3.65 -0.59 -25.12
N ALA B 163 -3.70 0.24 -24.09
CA ALA B 163 -4.74 0.14 -23.08
C ALA B 163 -6.11 0.44 -23.69
N PRO B 164 -7.13 -0.32 -23.28
CA PRO B 164 -8.52 -0.21 -23.76
C PRO B 164 -9.26 0.97 -23.16
N ILE B 165 -8.69 2.17 -23.27
CA ILE B 165 -9.29 3.34 -22.66
C ILE B 165 -9.82 4.32 -23.70
N ALA B 166 -10.99 4.88 -23.42
CA ALA B 166 -11.64 5.79 -24.36
C ALA B 166 -11.18 7.22 -24.14
N GLY B 167 -10.78 7.52 -22.90
CA GLY B 167 -10.33 8.85 -22.56
C GLY B 167 -9.62 8.92 -21.23
N ILE B 168 -9.26 10.13 -20.83
CA ILE B 168 -8.58 10.33 -19.56
C ILE B 168 -9.40 11.23 -18.64
N GLY B 169 -9.13 11.13 -17.34
CA GLY B 169 -9.86 11.90 -16.36
C GLY B 169 -8.93 12.53 -15.35
N LEU B 170 -9.47 13.41 -14.52
CA LEU B 170 -8.69 14.05 -13.48
C LEU B 170 -9.50 14.01 -12.20
N ASP B 171 -8.98 13.37 -11.16
CA ASP B 171 -9.69 13.34 -9.88
C ASP B 171 -8.73 13.51 -8.70
N SER B 172 -9.23 13.17 -7.51
CA SER B 172 -8.49 13.33 -6.25
C SER B 172 -8.64 14.73 -5.65
N ALA B 173 -7.77 15.06 -4.71
CA ALA B 173 -7.85 16.33 -3.97
C ALA B 173 -7.73 17.55 -4.89
N GLU B 174 -8.83 18.29 -5.03
CA GLU B 174 -8.94 19.34 -6.04
C GLU B 174 -8.32 20.68 -5.63
N VAL B 175 -8.72 21.18 -4.47
CA VAL B 175 -8.23 22.46 -3.97
C VAL B 175 -6.70 22.50 -3.89
N GLY B 176 -6.11 23.47 -4.59
CA GLY B 176 -4.67 23.64 -4.61
C GLY B 176 -4.00 22.84 -5.73
N ASN B 177 -4.79 22.01 -6.41
CA ASN B 177 -4.29 21.25 -7.54
C ASN B 177 -5.08 21.58 -8.79
N PRO B 178 -4.84 22.77 -9.37
CA PRO B 178 -5.61 23.28 -10.51
C PRO B 178 -5.46 22.46 -11.78
N PRO B 179 -6.50 22.47 -12.63
CA PRO B 179 -6.52 21.76 -13.91
C PRO B 179 -5.32 22.11 -14.80
N SER B 180 -4.89 23.37 -14.77
CA SER B 180 -3.76 23.82 -15.59
C SER B 180 -2.50 23.01 -15.30
N LYS B 181 -2.41 22.46 -14.09
CA LYS B 181 -1.28 21.63 -13.68
C LYS B 181 -1.08 20.42 -14.61
N PHE B 182 -2.12 20.08 -15.37
CA PHE B 182 -2.08 18.91 -16.25
C PHE B 182 -2.39 19.24 -17.70
N GLU B 183 -1.88 20.40 -18.16
CA GLU B 183 -2.09 20.85 -19.52
C GLU B 183 -1.38 19.98 -20.57
N ARG B 184 -0.13 19.60 -20.28
CA ARG B 184 0.61 18.72 -21.19
C ARG B 184 -0.03 17.34 -21.28
N LEU B 185 -0.44 16.83 -20.13
CA LEU B 185 -1.08 15.52 -20.03
C LEU B 185 -2.29 15.40 -20.94
N TYR B 186 -3.13 16.42 -20.94
CA TYR B 186 -4.35 16.39 -21.73
C TYR B 186 -4.07 16.65 -23.21
N GLN B 187 -2.99 17.39 -23.47
CA GLN B 187 -2.57 17.66 -24.83
C GLN B 187 -2.09 16.37 -25.49
N ARG B 188 -1.33 15.58 -24.74
CA ARG B 188 -0.84 14.31 -25.24
C ARG B 188 -1.97 13.31 -25.41
N ALA B 189 -2.94 13.35 -24.49
CA ALA B 189 -4.11 12.48 -24.57
C ALA B 189 -4.90 12.79 -25.82
N ALA B 190 -5.16 14.07 -26.05
CA ALA B 190 -5.90 14.51 -27.23
C ALA B 190 -5.18 14.09 -28.51
N GLU B 191 -3.86 14.24 -28.52
CA GLU B 191 -3.06 13.80 -29.66
C GLU B 191 -3.21 12.30 -29.86
N ALA B 192 -3.43 11.57 -28.77
CA ALA B 192 -3.62 10.13 -28.83
C ALA B 192 -5.03 9.77 -29.24
N GLY B 193 -5.86 10.79 -29.45
CA GLY B 193 -7.24 10.58 -29.87
C GLY B 193 -8.14 10.18 -28.72
N LEU B 194 -7.62 10.29 -27.50
CA LEU B 194 -8.39 10.02 -26.30
C LEU B 194 -9.32 11.18 -25.98
N ARG B 195 -10.55 10.86 -25.58
CA ARG B 195 -11.49 11.89 -25.15
C ARG B 195 -11.13 12.35 -23.73
N ARG B 196 -11.49 13.58 -23.39
CA ARG B 196 -11.12 14.15 -22.09
C ARG B 196 -12.29 14.53 -21.20
N ILE B 197 -12.21 14.15 -19.92
CA ILE B 197 -13.11 14.66 -18.89
C ILE B 197 -12.26 15.11 -17.70
N ALA B 198 -12.87 15.86 -16.78
CA ALA B 198 -12.14 16.27 -15.57
C ALA B 198 -13.07 16.69 -14.44
N HIS B 199 -12.68 16.36 -13.20
CA HIS B 199 -13.37 16.86 -12.03
C HIS B 199 -13.12 18.36 -11.90
N ALA B 200 -14.19 19.12 -11.75
CA ALA B 200 -14.07 20.56 -11.59
C ALA B 200 -15.26 21.10 -10.83
N GLY B 201 -15.02 22.00 -9.89
CA GLY B 201 -16.09 22.67 -9.18
C GLY B 201 -16.78 21.80 -8.15
N GLU B 202 -16.05 20.82 -7.62
CA GLU B 202 -16.54 20.02 -6.51
C GLU B 202 -16.21 20.77 -5.21
N GLU B 203 -14.92 21.03 -5.02
CA GLU B 203 -14.47 21.88 -3.92
C GLU B 203 -13.69 23.08 -4.45
N GLY B 204 -13.36 23.04 -5.73
CA GLY B 204 -12.65 24.12 -6.39
C GLY B 204 -13.58 25.21 -6.86
N PRO B 205 -13.04 26.42 -7.11
CA PRO B 205 -13.84 27.57 -7.55
C PRO B 205 -14.41 27.33 -8.94
N ALA B 206 -15.25 28.24 -9.40
CA ALA B 206 -15.75 28.16 -10.77
C ALA B 206 -14.60 28.40 -11.76
N SER B 207 -13.52 29.00 -11.26
CA SER B 207 -12.33 29.23 -12.08
C SER B 207 -11.82 27.91 -12.62
N TYR B 208 -11.82 26.89 -11.78
CA TYR B 208 -11.28 25.59 -12.12
C TYR B 208 -12.05 24.94 -13.27
N ILE B 209 -13.31 25.28 -13.44
CA ILE B 209 -14.12 24.78 -14.54
C ILE B 209 -13.76 25.41 -15.83
N THR B 210 -13.55 26.69 -15.80
CA THR B 210 -13.05 27.40 -16.94
C THR B 210 -11.72 26.86 -17.39
N GLU B 211 -10.85 26.62 -16.44
CA GLU B 211 -9.56 26.06 -16.66
C GLU B 211 -9.58 24.71 -17.33
N ALA B 212 -10.51 23.89 -16.92
CA ALA B 212 -10.72 22.57 -17.49
C ALA B 212 -11.20 22.67 -18.93
N LEU B 213 -12.06 23.64 -19.20
CA LEU B 213 -12.65 23.79 -20.52
C LEU B 213 -11.69 24.38 -21.53
N ASP B 214 -10.94 25.39 -21.10
CA ASP B 214 -10.09 26.15 -22.01
C ASP B 214 -8.68 25.58 -22.12
N VAL B 215 -8.06 25.30 -20.97
CA VAL B 215 -6.69 24.81 -20.97
C VAL B 215 -6.58 23.30 -21.23
N LEU B 216 -7.52 22.54 -20.68
CA LEU B 216 -7.49 21.08 -20.82
C LEU B 216 -8.44 20.58 -21.91
N HIS B 217 -9.27 21.49 -22.44
CA HIS B 217 -10.20 21.15 -23.51
C HIS B 217 -11.03 19.89 -23.21
N VAL B 218 -11.62 19.84 -22.03
CA VAL B 218 -12.41 18.69 -21.62
C VAL B 218 -13.78 18.67 -22.29
N GLU B 219 -14.38 17.49 -22.37
CA GLU B 219 -15.64 17.32 -23.10
C GLU B 219 -16.81 17.22 -22.15
N ARG B 220 -16.52 16.97 -20.87
CA ARG B 220 -17.52 17.15 -19.83
C ARG B 220 -16.89 17.41 -18.47
N ILE B 221 -17.61 18.16 -17.65
CA ILE B 221 -17.16 18.53 -16.33
C ILE B 221 -17.76 17.57 -15.30
N ASP B 222 -16.90 16.91 -14.54
CA ASP B 222 -17.35 16.03 -13.47
C ASP B 222 -17.62 16.83 -12.20
N HIS B 223 -18.87 16.78 -11.75
CA HIS B 223 -19.38 17.61 -10.65
C HIS B 223 -19.90 18.96 -11.15
N GLY B 224 -19.11 20.02 -10.93
CA GLY B 224 -19.42 21.33 -11.46
C GLY B 224 -20.42 22.17 -10.67
N ILE B 225 -20.88 21.65 -9.54
CA ILE B 225 -21.93 22.34 -8.78
C ILE B 225 -21.54 23.76 -8.37
N ARG B 226 -20.24 24.00 -8.24
CA ARG B 226 -19.77 25.32 -7.81
C ARG B 226 -19.81 26.33 -8.93
N CYS B 227 -20.23 25.89 -10.12
CA CYS B 227 -20.40 26.80 -11.24
C CYS B 227 -21.45 27.85 -10.92
N MET B 228 -22.38 27.49 -10.04
CA MET B 228 -23.48 28.37 -9.69
C MET B 228 -23.01 29.70 -9.08
N GLU B 229 -21.77 29.71 -8.61
CA GLU B 229 -21.23 30.92 -7.98
C GLU B 229 -20.86 32.00 -8.97
N ASP B 230 -20.85 31.69 -10.24
CA ASP B 230 -20.47 32.63 -11.25
C ASP B 230 -21.43 32.61 -12.39
N THR B 231 -22.21 33.65 -12.50
CA THR B 231 -23.09 33.89 -13.61
C THR B 231 -22.49 33.66 -14.96
N ASP B 232 -21.24 34.00 -15.15
CA ASP B 232 -20.66 33.95 -16.48
C ASP B 232 -20.25 32.56 -16.88
N VAL B 233 -19.79 31.80 -15.90
CA VAL B 233 -19.50 30.41 -16.09
C VAL B 233 -20.75 29.63 -16.45
N VAL B 234 -21.81 29.81 -15.68
CA VAL B 234 -23.12 29.21 -15.91
C VAL B 234 -23.61 29.55 -17.32
N GLN B 235 -23.55 30.84 -17.64
CA GLN B 235 -23.93 31.36 -18.95
C GLN B 235 -23.25 30.58 -20.08
N ARG B 236 -21.96 30.30 -19.91
CA ARG B 236 -21.20 29.58 -20.92
C ARG B 236 -21.57 28.11 -20.97
N LEU B 237 -21.65 27.48 -19.79
CA LEU B 237 -21.99 26.07 -19.70
C LEU B 237 -23.36 25.77 -20.32
N VAL B 238 -24.26 26.75 -20.28
CA VAL B 238 -25.58 26.60 -20.87
C VAL B 238 -25.53 26.83 -22.38
N ALA B 239 -24.73 27.80 -22.78
CA ALA B 239 -24.57 28.13 -24.20
C ALA B 239 -24.00 26.94 -24.96
N GLU B 240 -22.94 26.36 -24.41
CA GLU B 240 -22.26 25.26 -25.09
C GLU B 240 -22.85 23.90 -24.73
N GLN B 241 -23.73 23.88 -23.74
CA GLN B 241 -24.31 22.63 -23.28
C GLN B 241 -23.23 21.64 -22.82
N VAL B 242 -22.22 22.16 -22.12
CA VAL B 242 -21.18 21.30 -21.56
C VAL B 242 -21.82 20.36 -20.56
N PRO B 243 -21.60 19.05 -20.72
CA PRO B 243 -22.22 18.07 -19.82
C PRO B 243 -21.62 18.15 -18.41
N LEU B 244 -22.50 18.22 -17.40
CA LEU B 244 -22.09 18.24 -16.00
C LEU B 244 -22.56 16.98 -15.30
N THR B 245 -21.62 16.16 -14.87
CA THR B 245 -21.95 14.89 -14.23
C THR B 245 -22.10 15.09 -12.73
N VAL B 246 -23.32 15.44 -12.32
CA VAL B 246 -23.60 15.78 -10.94
C VAL B 246 -23.81 14.53 -10.08
N CYS B 247 -23.34 14.58 -8.84
CA CYS B 247 -23.45 13.45 -7.92
C CYS B 247 -24.07 13.88 -6.59
N PRO B 248 -25.41 13.84 -6.52
CA PRO B 248 -26.18 14.39 -5.39
C PRO B 248 -25.77 13.85 -4.01
N LEU B 249 -25.77 12.54 -3.83
CA LEU B 249 -25.45 11.95 -2.54
C LEU B 249 -23.98 12.18 -2.17
N SER B 250 -23.12 12.12 -3.19
CA SER B 250 -21.70 12.40 -3.00
C SER B 250 -21.55 13.77 -2.35
N ASN B 251 -22.17 14.77 -2.98
CA ASN B 251 -22.07 16.16 -2.52
C ASN B 251 -22.51 16.35 -1.06
N VAL B 252 -23.63 15.74 -0.70
CA VAL B 252 -24.15 15.88 0.65
C VAL B 252 -23.20 15.23 1.64
N ARG B 253 -22.77 14.03 1.28
CA ARG B 253 -21.96 13.20 2.15
C ARG B 253 -20.56 13.79 2.36
N LEU B 254 -20.07 14.54 1.37
CA LEU B 254 -18.78 15.20 1.50
C LEU B 254 -18.93 16.64 1.98
N ARG B 255 -20.16 16.99 2.36
CA ARG B 255 -20.48 18.31 2.91
C ARG B 255 -20.24 19.47 1.96
N ALA B 256 -20.26 19.20 0.66
CA ALA B 256 -20.26 20.25 -0.34
C ALA B 256 -21.61 20.95 -0.27
N VAL B 257 -22.63 20.13 0.01
CA VAL B 257 -23.99 20.63 0.19
C VAL B 257 -24.46 20.16 1.56
N ASP B 258 -25.14 21.04 2.29
CA ASP B 258 -25.57 20.76 3.65
C ASP B 258 -26.52 19.55 3.71
N LYS B 259 -27.63 19.64 3.00
CA LYS B 259 -28.63 18.59 2.98
C LYS B 259 -29.08 18.40 1.54
N LEU B 260 -29.69 17.25 1.25
CA LEU B 260 -30.20 17.01 -0.09
C LEU B 260 -31.16 18.13 -0.51
N ALA B 261 -31.95 18.63 0.43
CA ALA B 261 -32.93 19.67 0.13
C ALA B 261 -32.24 20.96 -0.34
N ASP B 262 -30.93 21.06 -0.09
CA ASP B 262 -30.18 22.24 -0.47
C ASP B 262 -29.42 22.07 -1.80
N HIS B 263 -29.54 20.91 -2.43
CA HIS B 263 -28.76 20.62 -3.64
C HIS B 263 -29.20 21.45 -4.85
N PRO B 264 -28.22 21.95 -5.62
CA PRO B 264 -28.46 22.85 -6.75
C PRO B 264 -29.09 22.17 -7.97
N LEU B 265 -29.09 20.84 -8.00
CA LEU B 265 -29.48 20.11 -9.21
C LEU B 265 -30.80 20.56 -9.85
N PRO B 266 -31.85 20.72 -9.04
CA PRO B 266 -33.14 21.14 -9.62
C PRO B 266 -33.03 22.47 -10.34
N GLU B 267 -32.30 23.40 -9.73
CA GLU B 267 -32.11 24.73 -10.31
C GLU B 267 -31.29 24.64 -11.59
N MET B 268 -30.18 23.91 -11.53
CA MET B 268 -29.27 23.75 -12.67
C MET B 268 -29.99 23.15 -13.89
N LEU B 269 -30.88 22.20 -13.62
CA LEU B 269 -31.67 21.58 -14.67
C LEU B 269 -32.67 22.59 -15.24
N ALA B 270 -33.26 23.38 -14.36
CA ALA B 270 -34.26 24.36 -14.77
C ALA B 270 -33.65 25.46 -15.65
N ILE B 271 -32.44 25.89 -15.30
CA ILE B 271 -31.81 26.99 -16.03
C ILE B 271 -31.15 26.54 -17.33
N GLY B 272 -31.18 25.23 -17.58
CA GLY B 272 -30.73 24.70 -18.85
C GLY B 272 -29.35 24.06 -18.88
N LEU B 273 -28.73 23.92 -17.73
CA LEU B 273 -27.44 23.22 -17.68
C LEU B 273 -27.65 21.76 -18.10
N ASN B 274 -26.71 21.25 -18.89
CA ASN B 274 -26.76 19.87 -19.36
C ASN B 274 -26.33 18.89 -18.26
N VAL B 275 -27.16 18.77 -17.22
CA VAL B 275 -26.82 17.95 -16.06
C VAL B 275 -27.37 16.52 -16.16
N CYS B 276 -26.59 15.57 -15.67
CA CYS B 276 -27.07 14.21 -15.46
C CYS B 276 -26.74 13.76 -14.03
N VAL B 277 -27.34 12.64 -13.62
CA VAL B 277 -27.18 12.14 -12.26
C VAL B 277 -26.26 10.91 -12.21
N ASN B 278 -25.32 10.93 -11.27
CA ASN B 278 -24.36 9.83 -11.10
C ASN B 278 -24.07 9.54 -9.63
N SER B 279 -23.61 8.32 -9.35
CA SER B 279 -23.37 7.91 -7.97
C SER B 279 -21.94 8.16 -7.49
N ASP B 280 -21.01 8.36 -8.44
CA ASP B 280 -19.63 8.76 -8.12
C ASP B 280 -18.84 7.67 -7.37
N ASP B 281 -19.13 7.50 -6.08
CA ASP B 281 -18.52 6.45 -5.26
C ASP B 281 -19.61 5.76 -4.46
N PRO B 282 -20.33 4.83 -5.10
CA PRO B 282 -21.56 4.21 -4.57
C PRO B 282 -21.39 3.56 -3.20
N ALA B 283 -20.24 2.91 -2.98
CA ALA B 283 -20.01 2.15 -1.75
C ALA B 283 -19.62 3.06 -0.57
N TYR B 284 -19.39 4.33 -0.85
CA TYR B 284 -18.98 5.26 0.19
C TYR B 284 -20.07 6.26 0.55
N PHE B 285 -20.99 6.50 -0.39
CA PHE B 285 -22.02 7.52 -0.20
C PHE B 285 -23.40 6.90 -0.02
N GLY B 286 -23.43 5.58 0.20
CA GLY B 286 -24.65 4.88 0.54
C GLY B 286 -25.70 4.82 -0.55
N GLY B 287 -25.27 4.58 -1.80
CA GLY B 287 -26.22 4.42 -2.87
C GLY B 287 -25.64 4.44 -4.27
N TYR B 288 -26.33 3.75 -5.17
CA TYR B 288 -25.98 3.76 -6.58
C TYR B 288 -26.86 4.78 -7.31
N VAL B 289 -26.75 4.86 -8.63
CA VAL B 289 -27.44 5.92 -9.35
C VAL B 289 -28.97 5.87 -9.15
N ASP B 290 -29.51 4.66 -9.06
CA ASP B 290 -30.94 4.51 -8.82
C ASP B 290 -31.32 5.05 -7.44
N ASP B 291 -30.44 4.86 -6.47
CA ASP B 291 -30.67 5.39 -5.13
C ASP B 291 -30.62 6.92 -5.12
N ASN B 292 -29.76 7.49 -5.95
CA ASN B 292 -29.69 8.94 -6.13
C ASN B 292 -31.00 9.50 -6.71
N PHE B 293 -31.53 8.83 -7.73
CA PHE B 293 -32.81 9.20 -8.32
C PHE B 293 -33.94 9.13 -7.28
N GLU B 294 -33.98 8.04 -6.53
CA GLU B 294 -34.99 7.85 -5.50
C GLU B 294 -34.92 8.94 -4.43
N GLN B 295 -33.70 9.33 -4.08
CA GLN B 295 -33.46 10.41 -3.12
C GLN B 295 -33.92 11.75 -3.68
N LEU B 296 -33.72 11.93 -4.98
CA LEU B 296 -34.17 13.14 -5.67
C LEU B 296 -35.69 13.20 -5.70
N VAL B 297 -36.33 12.05 -5.94
CA VAL B 297 -37.78 11.98 -5.99
C VAL B 297 -38.41 12.25 -4.61
N LYS B 298 -37.96 11.49 -3.61
CA LYS B 298 -38.49 11.62 -2.25
C LYS B 298 -38.27 13.02 -1.65
N VAL B 299 -37.04 13.51 -1.71
CA VAL B 299 -36.69 14.78 -1.07
C VAL B 299 -36.96 16.01 -1.94
N LEU B 300 -36.61 15.94 -3.22
CA LEU B 300 -36.75 17.09 -4.10
C LEU B 300 -37.93 16.98 -5.06
N GLU B 301 -38.68 15.89 -4.92
CA GLU B 301 -39.95 15.70 -5.64
C GLU B 301 -39.87 15.80 -7.18
N PHE B 302 -38.77 15.32 -7.74
CA PHE B 302 -38.63 15.25 -9.21
C PHE B 302 -39.74 14.40 -9.80
N SER B 303 -40.33 14.87 -10.90
CA SER B 303 -41.39 14.12 -11.57
C SER B 303 -40.80 13.12 -12.54
N VAL B 304 -41.64 12.22 -13.05
CA VAL B 304 -41.19 11.24 -14.01
C VAL B 304 -40.57 11.91 -15.24
N PRO B 305 -41.26 12.91 -15.82
CA PRO B 305 -40.69 13.61 -16.97
C PRO B 305 -39.39 14.33 -16.64
N GLU B 306 -39.18 14.69 -15.39
CA GLU B 306 -37.92 15.33 -14.98
C GLU B 306 -36.79 14.30 -14.84
N GLN B 307 -37.14 13.09 -14.47
CA GLN B 307 -36.16 12.01 -14.41
C GLN B 307 -35.74 11.62 -15.82
N ALA B 308 -36.69 11.68 -16.74
CA ALA B 308 -36.45 11.31 -18.13
C ALA B 308 -35.49 12.27 -18.83
N THR B 309 -35.52 13.54 -18.43
CA THR B 309 -34.61 14.52 -19.01
C THR B 309 -33.18 14.29 -18.50
N LEU B 310 -33.06 14.05 -17.20
CA LEU B 310 -31.78 13.67 -16.59
C LEU B 310 -31.21 12.39 -17.22
N ALA B 311 -32.09 11.44 -17.48
CA ALA B 311 -31.69 10.16 -18.06
C ALA B 311 -31.30 10.36 -19.53
N ALA B 312 -32.11 11.14 -20.25
CA ALA B 312 -31.80 11.45 -21.65
C ALA B 312 -30.52 12.27 -21.76
N ASN B 313 -30.34 13.23 -20.87
CA ASN B 313 -29.10 14.01 -20.81
C ASN B 313 -27.88 13.10 -20.66
N SER B 314 -27.99 12.11 -19.78
CA SER B 314 -26.86 11.21 -19.53
C SER B 314 -26.51 10.39 -20.77
N ILE B 315 -27.54 10.05 -21.54
CA ILE B 315 -27.34 9.26 -22.74
C ILE B 315 -26.77 10.11 -23.88
N ARG B 316 -27.27 11.33 -24.01
CA ARG B 316 -26.77 12.22 -25.04
C ARG B 316 -25.34 12.62 -24.75
N SER B 317 -24.99 12.65 -23.48
CA SER B 317 -23.68 13.14 -23.04
C SER B 317 -22.60 12.07 -23.05
N SER B 318 -23.02 10.81 -23.13
CA SER B 318 -22.07 9.70 -23.17
C SER B 318 -21.19 9.79 -24.41
N PHE B 319 -20.07 9.05 -24.39
CA PHE B 319 -19.21 8.97 -25.55
C PHE B 319 -19.56 7.75 -26.39
N ALA B 320 -20.79 7.26 -26.21
CA ALA B 320 -21.28 6.09 -26.96
C ALA B 320 -21.54 6.44 -28.42
N SER B 321 -21.82 5.41 -29.22
CA SER B 321 -22.13 5.59 -30.64
C SER B 321 -23.42 6.39 -30.78
N ASP B 322 -23.57 7.08 -31.91
CA ASP B 322 -24.82 7.76 -32.20
C ASP B 322 -25.94 6.74 -32.33
N ALA B 323 -25.59 5.57 -32.85
CA ALA B 323 -26.51 4.45 -32.94
C ALA B 323 -26.95 4.04 -31.54
N ARG B 324 -25.97 3.69 -30.71
CA ARG B 324 -26.24 3.25 -29.34
C ARG B 324 -27.08 4.28 -28.58
N LYS B 325 -26.73 5.55 -28.72
CA LYS B 325 -27.47 6.63 -28.06
C LYS B 325 -28.95 6.59 -28.43
N ALA B 326 -29.23 6.31 -29.70
CA ALA B 326 -30.60 6.28 -30.22
C ALA B 326 -31.46 5.18 -29.58
N VAL B 327 -30.92 3.98 -29.47
CA VAL B 327 -31.65 2.88 -28.84
C VAL B 327 -31.84 3.10 -27.34
N LEU B 328 -30.84 3.69 -26.69
CA LEU B 328 -30.96 4.07 -25.29
C LEU B 328 -31.97 5.20 -25.11
N LEU B 329 -31.98 6.14 -26.06
CA LEU B 329 -32.96 7.22 -26.06
C LEU B 329 -34.39 6.71 -26.26
N ASP B 330 -34.53 5.56 -26.90
CA ASP B 330 -35.84 4.99 -27.13
C ASP B 330 -36.36 4.23 -25.91
N GLU B 331 -35.43 3.67 -25.13
CA GLU B 331 -35.81 2.98 -23.91
C GLU B 331 -36.32 3.94 -22.85
N VAL B 332 -35.80 5.17 -22.86
CA VAL B 332 -36.27 6.20 -21.94
C VAL B 332 -37.65 6.71 -22.36
N THR B 333 -37.85 6.92 -23.65
CA THR B 333 -39.16 7.25 -24.18
C THR B 333 -40.19 6.22 -23.71
N GLU B 334 -39.92 4.95 -23.98
CA GLU B 334 -40.80 3.88 -23.54
C GLU B 334 -40.99 3.90 -22.04
N TRP B 335 -39.90 4.17 -21.32
CA TRP B 335 -39.95 4.23 -19.87
C TRP B 335 -41.01 5.21 -19.35
N VAL B 336 -41.05 6.40 -19.91
CA VAL B 336 -42.01 7.39 -19.45
C VAL B 336 -43.43 6.95 -19.80
N LYS B 337 -43.61 6.51 -21.05
CA LYS B 337 -44.90 5.99 -21.50
C LYS B 337 -45.43 5.02 -20.45
N ALA B 338 -44.56 4.17 -19.94
CA ALA B 338 -44.91 3.23 -18.89
C ALA B 338 -44.51 3.81 -17.54
ZN ZN C . 13.20 -11.78 11.98
N9 ADE D . 8.68 -10.45 10.81
C8 ADE D . 9.37 -9.62 11.64
N7 ADE D . 10.20 -10.24 12.46
C5 ADE D . 10.04 -11.58 12.13
C6 ADE D . 10.64 -12.76 12.63
N6 ADE D . 11.55 -12.75 13.61
N1 ADE D . 10.26 -13.93 12.08
C2 ADE D . 9.34 -13.92 11.10
N3 ADE D . 8.70 -12.88 10.55
C4 ADE D . 9.10 -11.73 11.12
ZN ZN E . -15.74 11.60 -8.62
N9 ADE F . -11.70 10.22 -6.37
C8 ADE F . -12.72 9.31 -6.21
N7 ADE F . -13.90 9.86 -6.04
C5 ADE F . -13.64 11.22 -6.08
C6 ADE F . -14.49 12.35 -5.94
N6 ADE F . -15.81 12.27 -5.73
N1 ADE F . -13.91 13.58 -6.04
C2 ADE F . -12.58 13.65 -6.23
N3 ADE F . -11.69 12.66 -6.37
C4 ADE F . -12.29 11.46 -6.28
#